data_3FBP
#
_entry.id   3FBP
#
_cell.length_a   131.600
_cell.length_b   131.600
_cell.length_c   68.900
_cell.angle_alpha   90.00
_cell.angle_beta   90.00
_cell.angle_gamma   120.00
#
_symmetry.space_group_name_H-M   'P 32 2 1'
#
loop_
_entity.id
_entity.type
_entity.pdbx_description
1 polymer 'FRUCTOSE 1,6-BISPHOSPHATASE'
2 non-polymer 2,6-di-O-phosphono-beta-D-fructofuranose
#
_entity_poly.entity_id   1
_entity_poly.type   'polypeptide(L)'
_entity_poly.pdbx_seq_one_letter_code
;TDQAAFDTNIVTLTRFVMEQGRKARGTGEMTQLLNSLCTAVKAISTAVRKAGIAHLYGIAGSTNVTGDQVKKLDVLSNDL
VINVLKSSFATCVLVTEEDKNAIIVEPEKRGKYVVCFDPLDGSSNIDCLVSIGTIFGIYRKNSTDEPSEKDALQPGRNLV
AAGYALYGSATMLVLAMVNGVNCFMLDPAIGEFILVDRNVKIKKKGSIYSINEGYAKEFDPAITEYIQRKKFPPDNSAPY
GARYVGSMVADVHRTLVYGGIFMYPANKKSPKGKLRLLYECNPMAYVMEKAGGLATTGKEAVLDIVPTDIHQRAPIILGS
PEDVTELLEIYQKHA
;
_entity_poly.pdbx_strand_id   A,B
#
loop_
_chem_comp.id
_chem_comp.type
_chem_comp.name
_chem_comp.formula
FDP D-saccharide, beta linking 2,6-di-O-phosphono-beta-D-fructofuranose 'C6 H14 O12 P2'
#
# COMPACT_ATOMS: atom_id res chain seq x y z
N PHE A 6 11.52 27.69 -2.30
CA PHE A 6 11.91 28.32 -1.04
C PHE A 6 13.18 27.55 -0.72
N ASP A 7 13.05 26.24 -0.92
CA ASP A 7 14.12 25.35 -1.32
C ASP A 7 14.63 26.16 -2.56
N THR A 8 15.84 26.72 -2.62
CA THR A 8 16.19 27.44 -3.83
C THR A 8 17.41 26.82 -4.53
N ASN A 9 18.26 26.08 -3.79
CA ASN A 9 19.23 25.20 -4.46
C ASN A 9 18.27 24.01 -4.50
N ILE A 10 17.41 24.13 -5.50
CA ILE A 10 16.30 23.24 -5.65
C ILE A 10 16.84 22.18 -6.62
N VAL A 11 17.14 21.02 -6.05
CA VAL A 11 17.70 19.96 -6.87
C VAL A 11 16.51 19.28 -7.51
N THR A 12 16.21 19.53 -8.77
CA THR A 12 15.14 18.82 -9.41
C THR A 12 15.73 17.55 -10.01
N LEU A 13 15.05 16.55 -10.60
CA LEU A 13 15.71 15.44 -11.32
C LEU A 13 16.61 15.91 -12.43
N THR A 14 16.11 16.70 -13.40
CA THR A 14 16.89 17.20 -14.53
C THR A 14 18.19 17.82 -14.01
N ARG A 15 18.14 18.61 -12.94
CA ARG A 15 19.29 19.30 -12.38
C ARG A 15 20.36 18.24 -12.15
N PHE A 16 19.94 17.20 -11.49
CA PHE A 16 20.80 16.09 -11.09
C PHE A 16 21.33 15.36 -12.29
N VAL A 17 20.43 14.90 -13.13
CA VAL A 17 20.71 14.07 -14.27
C VAL A 17 21.59 14.79 -15.26
N MET A 18 21.48 16.13 -15.27
CA MET A 18 22.23 16.97 -16.15
C MET A 18 23.64 17.07 -15.59
N GLU A 19 23.90 17.44 -14.33
CA GLU A 19 25.28 17.52 -13.87
C GLU A 19 25.98 16.14 -13.87
N GLN A 20 25.26 15.00 -13.86
CA GLN A 20 25.96 13.74 -14.01
C GLN A 20 26.40 13.52 -15.46
N GLY A 21 25.57 13.97 -16.43
CA GLY A 21 25.87 13.81 -17.84
C GLY A 21 27.13 14.58 -18.21
N ARG A 22 27.20 15.81 -17.72
CA ARG A 22 28.35 16.64 -17.94
C ARG A 22 29.66 15.93 -17.64
N LYS A 23 29.70 15.14 -16.57
CA LYS A 23 30.88 14.41 -16.15
C LYS A 23 31.22 13.28 -17.09
N ALA A 24 30.20 12.71 -17.75
CA ALA A 24 30.35 11.61 -18.70
C ALA A 24 30.73 12.04 -20.11
N ARG A 25 30.72 13.37 -20.34
CA ARG A 25 31.00 14.02 -21.62
C ARG A 25 29.99 13.57 -22.65
N GLY A 26 28.78 13.93 -22.22
CA GLY A 26 27.58 13.50 -22.88
C GLY A 26 27.10 14.27 -24.08
N THR A 27 25.90 13.87 -24.47
CA THR A 27 25.17 14.37 -25.63
C THR A 27 23.78 14.92 -25.32
N GLY A 28 23.27 14.67 -24.11
CA GLY A 28 21.93 15.11 -23.75
C GLY A 28 20.86 14.02 -23.70
N GLU A 29 20.75 13.06 -24.64
CA GLU A 29 19.65 12.10 -24.65
C GLU A 29 19.11 11.47 -23.40
N MET A 30 19.96 11.23 -22.41
CA MET A 30 19.56 10.65 -21.13
C MET A 30 18.63 11.64 -20.45
N THR A 31 19.09 12.86 -20.30
CA THR A 31 18.30 13.92 -19.72
C THR A 31 17.01 14.24 -20.45
N GLN A 32 17.02 14.24 -21.75
CA GLN A 32 15.83 14.52 -22.51
C GLN A 32 14.86 13.41 -22.25
N LEU A 33 15.42 12.23 -22.17
CA LEU A 33 14.65 11.05 -22.01
C LEU A 33 14.02 11.14 -20.68
N LEU A 34 14.78 11.21 -19.59
CA LEU A 34 14.20 11.16 -18.26
C LEU A 34 13.25 12.31 -18.10
N ASN A 35 13.54 13.46 -18.68
CA ASN A 35 12.58 14.52 -18.72
C ASN A 35 11.28 14.03 -19.30
N SER A 36 11.30 13.40 -20.44
CA SER A 36 10.11 12.85 -21.05
C SER A 36 9.46 11.83 -20.15
N LEU A 37 10.27 10.99 -19.49
CA LEU A 37 9.75 9.96 -18.64
C LEU A 37 8.96 10.61 -17.53
N CYS A 38 9.52 11.50 -16.73
CA CYS A 38 8.78 12.21 -15.74
C CYS A 38 7.45 12.84 -16.11
N THR A 39 7.25 13.42 -17.30
CA THR A 39 5.99 14.04 -17.68
C THR A 39 5.03 12.88 -17.75
N ALA A 40 5.32 11.68 -18.27
CA ALA A 40 4.38 10.58 -18.25
C ALA A 40 4.07 10.25 -16.78
N VAL A 41 5.08 10.29 -15.90
CA VAL A 41 4.89 9.94 -14.50
C VAL A 41 4.02 10.98 -13.79
N LYS A 42 4.13 12.28 -14.05
CA LYS A 42 3.27 13.25 -13.39
C LYS A 42 1.83 13.02 -13.84
N ALA A 43 1.63 12.79 -15.13
CA ALA A 43 0.30 12.64 -15.63
C ALA A 43 -0.24 11.31 -15.14
N ILE A 44 0.59 10.28 -14.96
CA ILE A 44 0.04 9.01 -14.51
C ILE A 44 -0.28 9.18 -13.04
N SER A 45 0.60 9.77 -12.23
CA SER A 45 0.36 9.98 -10.82
C SER A 45 -0.97 10.66 -10.69
N THR A 46 -1.22 11.73 -11.44
CA THR A 46 -2.50 12.37 -11.36
C THR A 46 -3.62 11.46 -11.84
N ALA A 47 -3.52 10.65 -12.92
CA ALA A 47 -4.62 9.79 -13.38
C ALA A 47 -5.16 8.84 -12.29
N VAL A 48 -4.19 8.40 -11.51
CA VAL A 48 -4.42 7.50 -10.43
C VAL A 48 -5.02 8.29 -9.27
N ARG A 49 -4.39 9.36 -8.76
CA ARG A 49 -4.81 10.22 -7.62
C ARG A 49 -6.28 10.67 -7.60
N LYS A 50 -7.05 10.47 -8.69
CA LYS A 50 -8.48 10.69 -8.73
C LYS A 50 -9.12 9.73 -9.69
N ALA A 51 -8.63 8.51 -9.67
CA ALA A 51 -9.15 7.43 -10.51
C ALA A 51 -10.35 6.94 -9.72
N GLY A 52 -11.50 6.93 -10.35
CA GLY A 52 -12.72 6.54 -9.64
C GLY A 52 -13.33 7.88 -9.34
N ILE A 53 -13.70 8.53 -10.41
CA ILE A 53 -14.25 9.85 -10.58
C ILE A 53 -14.26 9.77 -12.13
N ASP A 68 -9.21 -1.19 -24.54
CA ASP A 68 -10.60 -0.81 -24.51
C ASP A 68 -11.07 -0.75 -23.05
N GLN A 69 -12.41 -0.64 -22.88
CA GLN A 69 -13.17 -0.31 -21.66
C GLN A 69 -12.79 -0.72 -20.25
N VAL A 70 -12.86 -2.01 -19.89
CA VAL A 70 -12.52 -2.50 -18.55
C VAL A 70 -11.08 -2.24 -18.09
N LYS A 71 -10.10 -2.58 -18.96
CA LYS A 71 -8.67 -2.49 -18.65
C LYS A 71 -8.21 -1.03 -18.63
N LYS A 72 -8.33 -0.33 -19.79
CA LYS A 72 -8.04 1.09 -19.94
C LYS A 72 -6.91 1.88 -19.27
N LEU A 73 -6.74 1.93 -17.94
CA LEU A 73 -5.73 2.78 -17.32
C LEU A 73 -4.32 2.38 -17.71
N ASP A 74 -3.97 1.10 -17.64
CA ASP A 74 -2.62 0.63 -17.96
C ASP A 74 -2.32 1.01 -19.38
N VAL A 75 -3.29 0.77 -20.25
CA VAL A 75 -3.24 1.19 -21.64
C VAL A 75 -2.95 2.69 -21.78
N LEU A 76 -3.80 3.57 -21.28
CA LEU A 76 -3.63 5.03 -21.32
C LEU A 76 -2.21 5.43 -20.99
N SER A 77 -1.71 4.79 -19.93
CA SER A 77 -0.37 5.03 -19.47
C SER A 77 0.61 4.50 -20.46
N ASN A 78 0.41 3.28 -20.97
CA ASN A 78 1.32 2.68 -21.93
C ASN A 78 1.47 3.69 -23.07
N ASP A 79 0.39 4.05 -23.73
CA ASP A 79 0.40 5.02 -24.79
C ASP A 79 0.89 6.36 -24.30
N LEU A 80 0.79 6.83 -23.05
CA LEU A 80 1.48 8.07 -22.70
C LEU A 80 3.00 7.88 -22.53
N VAL A 81 3.51 6.70 -22.17
CA VAL A 81 4.93 6.51 -22.03
C VAL A 81 5.48 6.33 -23.44
N ILE A 82 4.91 5.54 -24.38
CA ILE A 82 5.47 5.42 -25.71
C ILE A 82 5.58 6.78 -26.38
N ASN A 83 4.50 7.56 -26.42
CA ASN A 83 4.51 8.86 -27.07
C ASN A 83 5.37 9.89 -26.42
N VAL A 84 5.51 9.80 -25.10
CA VAL A 84 6.39 10.69 -24.40
C VAL A 84 7.82 10.23 -24.77
N LEU A 85 8.20 8.96 -24.79
CA LEU A 85 9.58 8.57 -25.09
C LEU A 85 9.98 8.79 -26.55
N LYS A 86 9.10 8.58 -27.53
CA LYS A 86 9.41 8.88 -28.90
C LYS A 86 9.80 10.35 -29.14
N SER A 87 9.13 11.30 -28.51
CA SER A 87 9.37 12.71 -28.76
C SER A 87 10.75 13.19 -28.30
N SER A 88 11.42 12.45 -27.41
CA SER A 88 12.75 12.85 -26.98
C SER A 88 13.51 12.22 -28.09
N PHE A 89 14.50 12.91 -28.58
CA PHE A 89 15.13 12.32 -29.72
C PHE A 89 16.24 11.51 -29.07
N ALA A 90 15.84 10.46 -28.33
CA ALA A 90 16.72 9.68 -27.50
C ALA A 90 16.46 8.19 -27.54
N THR A 91 15.32 7.70 -27.95
CA THR A 91 15.07 6.29 -27.87
C THR A 91 15.17 5.63 -29.23
N CYS A 92 14.99 4.33 -29.39
CA CYS A 92 14.97 3.70 -30.71
C CYS A 92 14.25 2.38 -30.83
N VAL A 93 14.16 1.61 -29.75
CA VAL A 93 13.47 0.35 -29.61
C VAL A 93 12.80 0.60 -28.27
N LEU A 94 11.54 0.23 -28.06
CA LEU A 94 10.83 0.45 -26.79
C LEU A 94 10.11 -0.84 -26.47
N VAL A 95 10.05 -1.45 -25.27
CA VAL A 95 9.28 -2.69 -25.04
C VAL A 95 8.38 -2.60 -23.80
N THR A 96 7.10 -2.93 -23.94
CA THR A 96 6.12 -2.81 -22.87
C THR A 96 5.44 -4.14 -22.65
N GLU A 97 4.84 -4.35 -21.46
CA GLU A 97 4.02 -5.51 -21.15
C GLU A 97 2.98 -5.56 -22.27
N GLU A 98 2.24 -4.43 -22.41
CA GLU A 98 1.20 -4.17 -23.41
C GLU A 98 1.40 -4.42 -24.90
N ASP A 99 2.62 -4.41 -25.39
CA ASP A 99 2.74 -4.55 -26.80
C ASP A 99 3.32 -5.90 -27.07
N LYS A 100 2.69 -6.62 -28.02
CA LYS A 100 3.04 -7.98 -28.41
C LYS A 100 4.51 -8.19 -28.81
N ASN A 101 5.06 -7.14 -29.41
CA ASN A 101 6.43 -7.10 -29.86
C ASN A 101 6.92 -5.64 -29.86
N ALA A 102 8.24 -5.45 -29.83
CA ALA A 102 8.92 -4.16 -29.72
C ALA A 102 8.43 -3.06 -30.62
N ILE A 103 8.63 -1.80 -30.28
CA ILE A 103 8.24 -0.79 -31.23
C ILE A 103 9.55 -0.04 -31.56
N ILE A 104 9.78 0.12 -32.87
CA ILE A 104 10.99 0.76 -33.36
C ILE A 104 10.67 2.20 -33.64
N VAL A 105 11.38 3.08 -32.97
CA VAL A 105 11.13 4.49 -33.15
C VAL A 105 11.49 4.92 -34.57
N GLU A 106 10.59 5.67 -35.20
CA GLU A 106 10.77 6.18 -36.56
C GLU A 106 12.06 7.00 -36.73
N PRO A 107 12.74 6.89 -37.90
CA PRO A 107 14.09 7.36 -38.12
C PRO A 107 14.33 8.80 -37.71
N GLU A 108 13.37 9.67 -37.89
CA GLU A 108 13.60 11.07 -37.57
C GLU A 108 13.66 11.34 -36.09
N LYS A 109 12.99 10.51 -35.28
CA LYS A 109 12.97 10.79 -33.86
C LYS A 109 13.88 9.88 -33.04
N ARG A 110 14.69 9.06 -33.71
CA ARG A 110 15.60 8.15 -33.02
C ARG A 110 16.75 8.82 -32.32
N GLY A 111 17.23 8.02 -31.36
CA GLY A 111 18.34 8.35 -30.49
C GLY A 111 19.03 7.06 -30.06
N LYS A 112 19.99 7.14 -29.14
CA LYS A 112 20.73 5.97 -28.83
C LYS A 112 20.12 5.09 -27.79
N TYR A 113 18.92 5.27 -27.27
CA TYR A 113 18.54 4.43 -26.13
C TYR A 113 17.43 3.42 -26.25
N VAL A 114 17.55 2.34 -25.50
CA VAL A 114 16.55 1.29 -25.55
C VAL A 114 15.81 1.25 -24.23
N VAL A 115 14.48 1.33 -24.24
CA VAL A 115 13.78 1.35 -22.98
C VAL A 115 12.79 0.25 -23.02
N CYS A 116 12.86 -0.46 -21.90
CA CYS A 116 11.94 -1.53 -21.55
C CYS A 116 11.23 -0.99 -20.35
N PHE A 117 9.92 -1.16 -20.25
CA PHE A 117 9.23 -0.64 -19.11
C PHE A 117 7.90 -1.32 -18.99
N ASP A 118 7.37 -1.29 -17.77
CA ASP A 118 6.06 -1.80 -17.44
C ASP A 118 5.36 -0.50 -17.09
N PRO A 119 4.40 -0.03 -17.86
CA PRO A 119 3.71 1.19 -17.63
C PRO A 119 2.87 1.21 -16.35
N LEU A 120 2.16 0.20 -15.83
CA LEU A 120 1.42 0.38 -14.60
C LEU A 120 1.36 -0.97 -13.90
N ASP A 121 2.43 -1.51 -13.29
CA ASP A 121 2.45 -2.80 -12.59
C ASP A 121 1.44 -2.72 -11.45
N GLY A 122 0.57 -3.70 -11.30
CA GLY A 122 -0.45 -3.62 -10.26
C GLY A 122 -1.78 -3.18 -10.84
N SER A 123 -1.73 -2.39 -11.94
CA SER A 123 -2.85 -1.79 -12.68
C SER A 123 -4.23 -2.23 -12.28
N SER A 124 -4.63 -3.43 -12.61
CA SER A 124 -5.96 -3.85 -12.25
C SER A 124 -5.95 -4.71 -10.98
N ASN A 125 -5.87 -3.82 -9.99
CA ASN A 125 -5.93 -4.14 -8.59
C ASN A 125 -5.75 -2.78 -7.88
N ILE A 126 -6.23 -1.64 -8.43
CA ILE A 126 -6.05 -0.35 -7.75
C ILE A 126 -7.33 0.18 -7.14
N ASP A 127 -8.46 -0.47 -7.33
CA ASP A 127 -9.71 -0.13 -6.66
C ASP A 127 -9.54 -0.21 -5.13
N CYS A 128 -8.73 -1.17 -4.66
CA CYS A 128 -8.43 -1.26 -3.25
C CYS A 128 -7.29 -0.35 -2.78
N LEU A 129 -7.07 0.72 -3.56
CA LEU A 129 -6.09 1.80 -3.40
C LEU A 129 -4.64 1.49 -3.07
N VAL A 130 -4.24 0.35 -3.60
CA VAL A 130 -2.92 -0.18 -3.35
C VAL A 130 -1.90 0.55 -4.21
N SER A 131 -0.79 0.84 -3.55
CA SER A 131 0.33 1.50 -4.15
C SER A 131 0.87 0.78 -5.39
N ILE A 132 0.93 1.48 -6.54
CA ILE A 132 1.32 0.96 -7.86
C ILE A 132 2.59 1.58 -8.41
N GLY A 133 2.85 1.34 -9.71
CA GLY A 133 4.07 1.89 -10.27
C GLY A 133 4.32 1.64 -11.74
N THR A 134 5.21 2.40 -12.31
CA THR A 134 5.67 2.22 -13.67
C THR A 134 7.11 1.71 -13.44
N ILE A 135 7.70 0.62 -13.99
CA ILE A 135 9.12 0.20 -13.72
C ILE A 135 9.89 0.29 -15.05
N PHE A 136 11.16 0.72 -15.01
CA PHE A 136 11.89 0.88 -16.26
C PHE A 136 13.40 0.56 -16.19
N GLY A 137 13.88 0.08 -17.34
CA GLY A 137 15.27 -0.25 -17.61
C GLY A 137 15.71 0.44 -18.89
N ILE A 138 16.92 0.96 -18.93
CA ILE A 138 17.44 1.69 -20.07
C ILE A 138 18.77 1.05 -20.50
N TYR A 139 18.77 0.73 -21.79
CA TYR A 139 19.90 0.16 -22.46
C TYR A 139 20.39 1.15 -23.47
N ARG A 140 21.49 0.82 -24.13
CA ARG A 140 22.03 1.64 -25.18
C ARG A 140 22.29 0.73 -26.35
N LYS A 141 22.05 1.18 -27.55
CA LYS A 141 22.30 0.35 -28.71
C LYS A 141 23.79 0.37 -28.94
N ASN A 142 24.52 -0.74 -28.94
CA ASN A 142 25.97 -0.67 -29.22
C ASN A 142 26.35 -1.03 -30.67
N SER A 143 25.36 -1.55 -31.42
CA SER A 143 25.55 -2.03 -32.75
C SER A 143 25.38 -1.05 -33.92
N THR A 144 26.25 -1.20 -34.97
CA THR A 144 26.42 -0.43 -36.22
C THR A 144 25.03 -0.21 -36.74
N ASP A 145 24.46 -1.35 -37.11
CA ASP A 145 23.07 -1.51 -37.33
C ASP A 145 22.78 -2.93 -37.65
N GLU A 146 21.54 -3.06 -37.32
CA GLU A 146 20.78 -4.28 -37.42
C GLU A 146 19.44 -4.04 -38.19
N PRO A 147 19.03 -2.87 -38.74
CA PRO A 147 18.91 -1.56 -38.13
C PRO A 147 18.80 -1.41 -36.63
N SER A 148 17.74 -0.91 -36.07
CA SER A 148 17.77 -0.62 -34.70
C SER A 148 16.76 -1.61 -34.22
N GLU A 149 17.24 -2.84 -33.99
CA GLU A 149 16.34 -3.90 -33.64
C GLU A 149 16.15 -4.43 -32.24
N LYS A 150 15.05 -5.16 -32.09
CA LYS A 150 14.73 -5.81 -30.82
C LYS A 150 15.87 -6.66 -30.25
N ASP A 151 16.71 -7.30 -31.07
CA ASP A 151 17.83 -8.14 -30.64
C ASP A 151 18.80 -7.44 -29.75
N ALA A 152 18.73 -6.12 -29.79
CA ALA A 152 19.40 -5.28 -28.86
C ALA A 152 18.54 -5.39 -27.57
N LEU A 153 18.42 -6.61 -27.01
CA LEU A 153 17.76 -7.04 -25.76
C LEU A 153 18.59 -8.26 -25.34
N GLN A 154 19.37 -7.73 -24.37
CA GLN A 154 20.63 -8.20 -23.83
C GLN A 154 20.62 -8.24 -22.29
N PRO A 155 21.54 -8.91 -21.54
CA PRO A 155 21.65 -8.97 -20.07
C PRO A 155 21.59 -7.72 -19.22
N GLY A 156 20.81 -7.80 -18.15
CA GLY A 156 20.50 -6.68 -17.26
C GLY A 156 21.66 -5.96 -16.60
N ARG A 157 22.86 -6.56 -16.59
CA ARG A 157 24.00 -5.85 -16.04
C ARG A 157 24.48 -4.90 -17.11
N ASN A 158 23.86 -4.79 -18.26
CA ASN A 158 24.30 -3.83 -19.23
C ASN A 158 23.49 -2.54 -19.20
N LEU A 159 22.52 -2.54 -18.29
CA LEU A 159 21.62 -1.43 -18.13
C LEU A 159 22.42 -0.22 -17.78
N VAL A 160 22.04 0.99 -18.21
CA VAL A 160 22.80 2.16 -17.75
C VAL A 160 22.04 2.96 -16.68
N ALA A 161 20.73 2.79 -16.69
CA ALA A 161 19.79 3.46 -15.83
C ALA A 161 18.69 2.44 -15.65
N ALA A 162 18.08 2.43 -14.51
CA ALA A 162 16.95 1.58 -14.28
C ALA A 162 16.25 2.24 -13.09
N GLY A 163 15.00 1.86 -12.75
CA GLY A 163 14.33 2.40 -11.56
C GLY A 163 12.83 2.25 -11.68
N TYR A 164 12.06 2.86 -10.78
CA TYR A 164 10.60 2.80 -10.85
C TYR A 164 10.06 4.08 -10.26
N ALA A 165 8.79 4.34 -10.58
CA ALA A 165 8.01 5.46 -10.06
C ALA A 165 6.97 4.74 -9.25
N LEU A 166 6.81 5.02 -7.96
CA LEU A 166 5.86 4.38 -7.05
C LEU A 166 4.63 5.27 -6.94
N TYR A 167 3.36 4.86 -6.85
CA TYR A 167 2.24 5.80 -6.71
C TYR A 167 1.50 5.36 -5.44
N GLY A 168 1.80 5.92 -4.26
CA GLY A 168 1.22 5.53 -2.99
C GLY A 168 0.84 6.80 -2.29
N SER A 169 1.09 6.87 -0.98
CA SER A 169 0.79 8.04 -0.14
C SER A 169 1.28 9.32 -0.78
N ALA A 170 2.43 9.20 -1.44
CA ALA A 170 3.17 10.22 -2.16
C ALA A 170 3.76 9.54 -3.40
N THR A 171 4.38 10.26 -4.37
CA THR A 171 4.91 9.68 -5.61
C THR A 171 6.44 9.75 -5.66
N MET A 172 7.16 8.64 -5.73
CA MET A 172 8.63 8.61 -5.71
C MET A 172 9.18 8.03 -6.98
N LEU A 173 10.26 8.62 -7.49
CA LEU A 173 11.00 8.14 -8.64
C LEU A 173 12.31 7.79 -7.97
N VAL A 174 12.58 6.51 -7.93
CA VAL A 174 13.75 5.92 -7.29
C VAL A 174 14.54 5.65 -8.54
N LEU A 175 15.78 6.10 -8.61
CA LEU A 175 16.51 5.94 -9.84
C LEU A 175 17.92 5.43 -9.63
N ALA A 176 18.24 4.39 -10.39
CA ALA A 176 19.55 3.78 -10.29
C ALA A 176 20.32 3.90 -11.58
N MET A 177 21.55 4.37 -11.39
CA MET A 177 22.47 4.58 -12.50
C MET A 177 23.86 4.02 -12.20
N VAL A 178 24.89 4.21 -13.00
CA VAL A 178 26.21 3.66 -12.65
C VAL A 178 26.70 4.13 -11.28
N ASN A 179 26.54 5.38 -10.94
CA ASN A 179 26.99 5.95 -9.68
C ASN A 179 26.15 5.61 -8.45
N GLY A 180 25.04 4.87 -8.51
CA GLY A 180 24.28 4.62 -7.30
C GLY A 180 22.76 4.72 -7.42
N VAL A 181 22.08 4.76 -6.27
CA VAL A 181 20.63 4.80 -6.24
C VAL A 181 20.18 6.13 -5.62
N ASN A 182 19.25 6.91 -6.20
CA ASN A 182 18.80 8.15 -5.59
C ASN A 182 17.29 8.25 -5.49
N CYS A 183 16.72 8.91 -4.48
CA CYS A 183 15.29 8.99 -4.30
C CYS A 183 14.77 10.41 -4.42
N PHE A 184 13.79 10.64 -5.29
CA PHE A 184 13.25 11.95 -5.59
C PHE A 184 11.75 11.80 -5.39
N MET A 185 11.11 12.81 -4.80
CA MET A 185 9.69 12.71 -4.52
C MET A 185 9.00 13.80 -5.29
N LEU A 186 7.78 13.60 -5.77
CA LEU A 186 7.14 14.64 -6.52
C LEU A 186 6.66 15.68 -5.56
N ASP A 187 7.09 16.91 -5.66
CA ASP A 187 6.42 18.00 -4.96
C ASP A 187 5.16 18.29 -5.79
N PRO A 188 3.92 18.06 -5.36
CA PRO A 188 2.73 18.27 -6.19
C PRO A 188 2.43 19.76 -6.34
N ALA A 189 3.01 20.63 -5.52
CA ALA A 189 2.84 22.06 -5.61
C ALA A 189 3.73 22.68 -6.70
N ILE A 190 4.80 22.06 -7.21
CA ILE A 190 5.52 22.65 -8.34
C ILE A 190 5.71 21.67 -9.48
N GLY A 191 5.07 20.50 -9.40
CA GLY A 191 5.15 19.48 -10.42
C GLY A 191 6.58 19.23 -10.79
N GLU A 192 7.43 18.99 -9.78
CA GLU A 192 8.87 18.74 -9.94
C GLU A 192 9.31 17.60 -9.02
N PHE A 193 10.28 16.79 -9.44
CA PHE A 193 10.70 15.69 -8.61
C PHE A 193 11.93 16.20 -7.95
N ILE A 194 11.90 16.27 -6.63
CA ILE A 194 12.96 16.84 -5.83
C ILE A 194 13.68 15.76 -4.99
N LEU A 195 15.02 15.86 -4.94
CA LEU A 195 15.92 14.93 -4.25
C LEU A 195 15.81 14.90 -2.76
N VAL A 196 15.18 13.85 -2.30
CA VAL A 196 14.89 13.69 -0.88
C VAL A 196 15.97 12.88 -0.18
N ASP A 197 16.08 11.60 -0.58
CA ASP A 197 17.01 10.62 -0.04
C ASP A 197 18.16 10.35 -1.01
N ARG A 198 19.40 10.36 -0.60
CA ARG A 198 20.48 10.39 -1.56
C ARG A 198 21.46 9.26 -1.40
N ASN A 199 21.90 8.70 -2.52
CA ASN A 199 22.91 7.66 -2.56
C ASN A 199 22.72 6.53 -1.56
N VAL A 200 21.51 6.01 -1.51
CA VAL A 200 21.12 5.02 -0.52
C VAL A 200 21.68 3.58 -0.69
N LYS A 201 21.90 2.97 0.48
CA LYS A 201 22.38 1.60 0.53
C LYS A 201 21.35 0.70 1.21
N ILE A 202 21.24 -0.62 1.09
CA ILE A 202 20.21 -1.41 1.79
C ILE A 202 20.75 -2.07 3.08
N LYS A 203 19.96 -2.24 4.16
CA LYS A 203 20.46 -2.86 5.39
C LYS A 203 20.91 -4.29 5.13
N LYS A 204 22.09 -4.61 5.66
CA LYS A 204 22.77 -5.89 5.62
C LYS A 204 21.88 -7.11 5.76
N LYS A 205 20.98 -7.04 6.74
CA LYS A 205 19.99 -8.06 7.05
C LYS A 205 18.80 -7.30 7.67
N GLY A 206 17.59 -7.84 7.80
CA GLY A 206 16.54 -7.09 8.45
C GLY A 206 15.34 -7.93 8.80
N SER A 207 14.64 -7.60 9.89
CA SER A 207 13.51 -8.38 10.38
C SER A 207 12.32 -8.73 9.48
N ILE A 208 12.26 -8.73 8.13
CA ILE A 208 10.97 -8.93 7.42
C ILE A 208 11.13 -9.84 6.22
N TYR A 209 10.18 -10.71 5.92
CA TYR A 209 10.24 -11.42 4.67
C TYR A 209 8.88 -11.32 3.97
N SER A 210 8.94 -11.38 2.65
CA SER A 210 7.79 -11.15 1.81
C SER A 210 7.72 -12.28 0.78
N ILE A 211 6.58 -12.98 0.72
CA ILE A 211 6.30 -14.01 -0.26
C ILE A 211 4.80 -14.26 -0.12
N ASN A 212 4.04 -14.47 -1.20
CA ASN A 212 2.59 -14.75 -1.14
C ASN A 212 2.49 -16.07 -0.40
N GLU A 213 2.27 -16.08 0.93
CA GLU A 213 2.37 -17.36 1.58
C GLU A 213 1.25 -18.35 1.41
N GLY A 214 0.28 -18.10 0.52
CA GLY A 214 -0.79 -19.04 0.18
C GLY A 214 -0.17 -20.03 -0.79
N TYR A 215 -0.92 -20.51 -1.81
CA TYR A 215 -0.44 -21.42 -2.88
C TYR A 215 1.02 -21.86 -2.97
N ALA A 216 1.88 -20.84 -2.92
CA ALA A 216 3.31 -20.94 -2.97
C ALA A 216 3.62 -22.02 -1.96
N LYS A 217 3.11 -21.96 -0.71
CA LYS A 217 3.31 -22.99 0.29
C LYS A 217 3.03 -24.42 -0.19
N GLU A 218 2.02 -24.66 -1.04
CA GLU A 218 1.79 -25.99 -1.57
C GLU A 218 2.70 -26.29 -2.74
N PHE A 219 3.32 -25.26 -3.33
CA PHE A 219 4.21 -25.37 -4.47
C PHE A 219 5.62 -24.83 -4.29
N ASP A 220 6.15 -24.46 -3.10
CA ASP A 220 7.47 -23.86 -2.99
C ASP A 220 8.71 -24.79 -3.11
N PRO A 221 9.93 -24.46 -3.63
CA PRO A 221 11.19 -25.24 -3.49
C PRO A 221 11.97 -25.42 -2.12
N ALA A 222 13.15 -24.81 -1.93
CA ALA A 222 13.81 -24.83 -0.64
C ALA A 222 13.36 -23.61 0.15
N ILE A 223 12.38 -22.89 -0.42
CA ILE A 223 11.82 -21.67 0.10
C ILE A 223 11.22 -22.15 1.38
N THR A 224 10.19 -22.96 1.29
CA THR A 224 9.61 -23.76 2.37
C THR A 224 10.32 -23.88 3.74
N GLU A 225 11.58 -24.32 3.69
CA GLU A 225 12.47 -24.40 4.84
C GLU A 225 12.94 -23.01 5.33
N TYR A 226 13.43 -22.13 4.43
CA TYR A 226 13.82 -20.77 4.78
C TYR A 226 12.65 -20.09 5.45
N ILE A 227 11.44 -20.33 4.98
CA ILE A 227 10.27 -19.72 5.56
C ILE A 227 10.12 -20.29 6.97
N GLN A 228 10.13 -21.63 7.15
CA GLN A 228 9.98 -22.28 8.47
C GLN A 228 10.98 -21.78 9.48
N ARG A 229 12.19 -21.59 8.96
CA ARG A 229 13.34 -21.08 9.65
C ARG A 229 13.12 -19.62 10.07
N LYS A 230 12.43 -18.84 9.24
CA LYS A 230 12.20 -17.46 9.56
C LYS A 230 11.00 -17.31 10.48
N LYS A 231 10.09 -18.28 10.51
CA LYS A 231 8.96 -18.27 11.43
C LYS A 231 9.47 -18.72 12.81
N PHE A 232 9.71 -20.02 13.00
CA PHE A 232 10.17 -20.57 14.26
C PHE A 232 11.66 -20.65 14.05
N PRO A 233 12.52 -19.69 14.42
CA PRO A 233 13.97 -19.75 14.22
C PRO A 233 14.56 -20.81 15.13
N PRO A 234 15.67 -21.46 14.75
CA PRO A 234 16.49 -22.29 15.66
C PRO A 234 17.57 -21.62 16.53
N ASP A 235 18.53 -20.92 15.90
CA ASP A 235 19.57 -20.24 16.68
C ASP A 235 18.94 -19.00 17.33
N ASN A 236 19.58 -18.44 18.38
CA ASN A 236 19.11 -17.28 19.13
C ASN A 236 18.54 -16.09 18.32
N SER A 237 17.21 -16.05 18.30
CA SER A 237 16.48 -15.11 17.46
C SER A 237 15.16 -14.72 18.11
N ALA A 238 14.43 -14.02 17.26
CA ALA A 238 13.08 -13.54 17.46
C ALA A 238 12.57 -13.56 16.01
N PRO A 239 11.41 -14.15 15.71
CA PRO A 239 10.83 -14.28 14.36
C PRO A 239 10.76 -13.10 13.38
N TYR A 240 10.81 -13.42 12.07
CA TYR A 240 10.69 -12.41 11.05
C TYR A 240 9.25 -11.91 10.89
N GLY A 241 9.00 -10.61 10.79
CA GLY A 241 7.65 -10.14 10.53
C GLY A 241 7.34 -10.40 9.07
N ALA A 242 6.17 -10.92 8.72
CA ALA A 242 5.83 -11.06 7.32
C ALA A 242 4.96 -9.87 6.82
N ARG A 243 5.06 -9.54 5.53
CA ARG A 243 4.37 -8.43 4.88
C ARG A 243 4.32 -8.71 3.39
N TYR A 244 3.20 -8.61 2.65
CA TYR A 244 3.18 -8.86 1.22
C TYR A 244 2.02 -8.06 0.68
N VAL A 245 2.32 -7.05 -0.11
CA VAL A 245 1.34 -6.08 -0.58
C VAL A 245 0.65 -6.61 -1.83
N GLY A 246 1.44 -7.23 -2.71
CA GLY A 246 0.94 -7.71 -3.98
C GLY A 246 1.14 -6.72 -5.14
N SER A 247 2.19 -5.91 -5.11
CA SER A 247 2.57 -5.02 -6.19
C SER A 247 4.06 -5.09 -6.10
N MET A 248 4.73 -5.44 -7.20
CA MET A 248 6.15 -5.59 -7.09
C MET A 248 6.76 -4.27 -6.64
N VAL A 249 6.31 -3.13 -7.17
CA VAL A 249 6.91 -1.88 -6.75
C VAL A 249 6.71 -1.60 -5.26
N ALA A 250 5.60 -2.03 -4.62
CA ALA A 250 5.32 -1.73 -3.21
C ALA A 250 6.10 -2.59 -2.26
N ASP A 251 6.24 -3.87 -2.62
CA ASP A 251 6.98 -4.78 -1.81
C ASP A 251 8.47 -4.62 -2.02
N VAL A 252 9.02 -4.36 -3.21
CA VAL A 252 10.44 -4.05 -3.36
C VAL A 252 10.81 -2.70 -2.73
N HIS A 253 10.08 -1.57 -2.88
CA HIS A 253 10.50 -0.30 -2.32
C HIS A 253 10.60 -0.35 -0.81
N ARG A 254 9.58 -0.88 -0.10
CA ARG A 254 9.71 -1.16 1.33
C ARG A 254 11.02 -1.88 1.61
N THR A 255 11.34 -2.98 0.90
CA THR A 255 12.56 -3.78 1.02
C THR A 255 13.77 -2.85 0.83
N LEU A 256 13.76 -1.83 -0.01
CA LEU A 256 14.88 -0.94 -0.10
C LEU A 256 14.88 -0.12 1.17
N VAL A 257 13.72 0.25 1.63
CA VAL A 257 13.64 1.18 2.71
C VAL A 257 13.88 0.64 4.10
N TYR A 258 13.56 -0.62 4.35
CA TYR A 258 13.72 -1.14 5.69
C TYR A 258 14.79 -2.18 5.71
N GLY A 259 14.83 -3.01 4.68
CA GLY A 259 15.74 -4.13 4.64
C GLY A 259 14.98 -5.36 5.08
N GLY A 260 15.02 -6.40 4.26
CA GLY A 260 14.24 -7.60 4.46
C GLY A 260 14.53 -8.47 3.27
N ILE A 261 13.62 -9.34 2.90
CA ILE A 261 13.78 -10.11 1.67
C ILE A 261 12.42 -10.19 0.95
N PHE A 262 12.48 -10.29 -0.38
CA PHE A 262 11.30 -10.35 -1.22
C PHE A 262 11.52 -11.58 -2.08
N MET A 263 10.56 -12.44 -2.35
CA MET A 263 10.79 -13.53 -3.28
C MET A 263 9.52 -13.92 -4.00
N TYR A 264 9.55 -14.25 -5.29
CA TYR A 264 8.41 -14.72 -6.04
C TYR A 264 9.04 -15.71 -7.00
N PRO A 265 9.01 -16.98 -6.63
CA PRO A 265 9.42 -18.08 -7.49
C PRO A 265 8.37 -19.10 -7.94
N ALA A 266 7.33 -19.21 -7.08
CA ALA A 266 6.10 -20.03 -7.13
C ALA A 266 5.84 -21.31 -7.98
N ASN A 267 6.92 -21.86 -8.52
CA ASN A 267 7.01 -23.07 -9.33
C ASN A 267 6.05 -23.35 -10.47
N LYS A 268 4.75 -23.07 -10.42
CA LYS A 268 3.95 -23.32 -11.58
C LYS A 268 3.91 -22.09 -12.46
N LYS A 269 4.52 -22.61 -13.52
CA LYS A 269 5.07 -22.02 -14.73
C LYS A 269 6.50 -22.30 -14.30
N SER A 270 7.30 -23.01 -15.08
CA SER A 270 8.62 -23.32 -14.62
C SER A 270 9.90 -22.82 -15.28
N PRO A 271 9.97 -22.06 -16.41
CA PRO A 271 10.13 -20.61 -16.45
C PRO A 271 9.10 -20.01 -15.54
N LYS A 272 9.60 -20.10 -14.33
CA LYS A 272 8.79 -19.76 -13.22
C LYS A 272 8.81 -18.27 -13.16
N GLY A 273 7.89 -17.92 -12.31
CA GLY A 273 7.70 -16.57 -11.94
C GLY A 273 6.32 -16.24 -12.40
N LYS A 274 6.29 -15.09 -12.96
CA LYS A 274 5.08 -14.44 -13.36
C LYS A 274 5.72 -13.15 -13.76
N LEU A 275 6.71 -12.63 -13.00
CA LEU A 275 7.35 -11.33 -13.27
C LEU A 275 8.30 -11.41 -14.45
N ARG A 276 8.19 -10.43 -15.35
CA ARG A 276 8.93 -10.47 -16.59
C ARG A 276 10.24 -9.82 -16.33
N LEU A 277 11.14 -10.55 -16.92
CA LEU A 277 12.55 -10.36 -16.77
C LEU A 277 13.02 -9.00 -17.19
N LEU A 278 12.85 -8.69 -18.49
CA LEU A 278 13.35 -7.45 -19.05
C LEU A 278 12.90 -6.19 -18.35
N TYR A 279 11.64 -6.14 -18.01
CA TYR A 279 11.11 -4.96 -17.36
C TYR A 279 10.65 -4.99 -15.92
N GLU A 280 10.53 -6.12 -15.21
CA GLU A 280 10.24 -6.06 -13.79
C GLU A 280 11.52 -6.47 -13.12
N CYS A 281 11.95 -7.68 -13.40
CA CYS A 281 13.09 -8.20 -12.68
C CYS A 281 14.40 -7.46 -12.86
N ASN A 282 14.80 -7.09 -14.08
CA ASN A 282 16.09 -6.45 -14.24
C ASN A 282 16.18 -5.01 -13.76
N PRO A 283 15.24 -4.05 -13.88
CA PRO A 283 15.28 -2.78 -13.16
C PRO A 283 15.37 -2.90 -11.65
N MET A 284 14.49 -3.71 -11.09
CA MET A 284 14.46 -3.93 -9.66
C MET A 284 15.78 -4.51 -9.14
N ALA A 285 16.24 -5.61 -9.73
CA ALA A 285 17.55 -6.18 -9.40
C ALA A 285 18.71 -5.19 -9.50
N TYR A 286 18.73 -4.41 -10.58
CA TYR A 286 19.75 -3.41 -10.78
C TYR A 286 19.76 -2.42 -9.65
N VAL A 287 18.56 -2.08 -9.13
CA VAL A 287 18.47 -1.05 -8.11
C VAL A 287 19.05 -1.52 -6.79
N MET A 288 18.57 -2.71 -6.50
CA MET A 288 18.88 -3.47 -5.31
C MET A 288 20.36 -3.63 -5.26
N GLU A 289 20.95 -4.26 -6.29
CA GLU A 289 22.40 -4.44 -6.35
C GLU A 289 23.09 -3.10 -6.23
N LYS A 290 22.62 -2.04 -6.90
CA LYS A 290 23.30 -0.76 -6.81
C LYS A 290 23.24 -0.08 -5.46
N ALA A 291 22.31 -0.56 -4.65
CA ALA A 291 22.17 -0.05 -3.33
C ALA A 291 22.76 -1.11 -2.42
N GLY A 292 23.32 -2.23 -2.85
CA GLY A 292 24.01 -3.18 -1.96
C GLY A 292 23.27 -4.49 -1.62
N GLY A 293 22.14 -4.84 -2.26
CA GLY A 293 21.44 -6.09 -2.03
C GLY A 293 21.89 -7.06 -3.11
N LEU A 294 21.35 -8.26 -3.21
CA LEU A 294 21.77 -9.18 -4.28
C LEU A 294 20.47 -9.73 -4.86
N ALA A 295 20.33 -10.13 -6.11
CA ALA A 295 19.07 -10.68 -6.57
C ALA A 295 19.38 -11.85 -7.45
N THR A 296 18.75 -12.93 -7.02
CA THR A 296 19.10 -14.24 -7.48
C THR A 296 17.84 -14.91 -7.89
N THR A 297 18.06 -15.82 -8.79
CA THR A 297 17.06 -16.79 -9.17
C THR A 297 17.12 -17.94 -8.16
N GLY A 298 18.05 -17.89 -7.23
CA GLY A 298 18.30 -18.99 -6.34
C GLY A 298 19.52 -19.64 -6.94
N LYS A 299 19.35 -20.27 -8.10
CA LYS A 299 20.46 -20.91 -8.79
C LYS A 299 21.20 -20.02 -9.75
N GLU A 300 20.42 -19.17 -10.44
CA GLU A 300 20.97 -18.25 -11.41
C GLU A 300 21.02 -16.88 -10.80
N ALA A 301 21.89 -15.99 -11.23
CA ALA A 301 21.95 -14.64 -10.66
C ALA A 301 21.22 -13.75 -11.65
N VAL A 302 20.14 -13.05 -11.27
CA VAL A 302 19.29 -12.44 -12.31
C VAL A 302 19.83 -11.40 -13.30
N LEU A 303 20.70 -10.43 -12.97
CA LEU A 303 21.09 -9.45 -13.99
C LEU A 303 22.04 -9.99 -15.07
N ASP A 304 22.54 -11.21 -14.85
CA ASP A 304 23.51 -11.80 -15.74
C ASP A 304 22.89 -12.89 -16.62
N ILE A 305 21.62 -13.20 -16.34
CA ILE A 305 20.85 -14.04 -17.23
C ILE A 305 20.78 -13.22 -18.49
N VAL A 306 20.89 -13.88 -19.62
CA VAL A 306 20.90 -13.26 -20.93
C VAL A 306 19.55 -13.66 -21.44
N PRO A 307 18.74 -12.76 -21.98
CA PRO A 307 17.38 -13.04 -22.48
C PRO A 307 17.23 -13.75 -23.84
N THR A 308 16.07 -14.30 -24.13
CA THR A 308 15.81 -15.06 -25.35
C THR A 308 14.57 -14.46 -26.04
N ASP A 309 13.69 -13.94 -25.19
CA ASP A 309 12.43 -13.38 -25.62
C ASP A 309 12.34 -12.05 -24.90
N ILE A 310 11.64 -11.07 -25.47
CA ILE A 310 11.49 -9.77 -24.84
C ILE A 310 10.54 -9.87 -23.69
N HIS A 311 9.71 -10.93 -23.73
CA HIS A 311 8.60 -11.12 -22.81
C HIS A 311 8.77 -12.27 -21.81
N GLN A 312 10.01 -12.80 -21.77
CA GLN A 312 10.31 -13.90 -20.91
C GLN A 312 10.25 -13.48 -19.44
N ARG A 313 10.01 -14.57 -18.73
CA ARG A 313 9.59 -14.68 -17.34
C ARG A 313 10.76 -15.19 -16.55
N ALA A 314 10.96 -14.69 -15.35
CA ALA A 314 12.07 -15.12 -14.54
C ALA A 314 11.66 -15.22 -13.06
N PRO A 315 12.24 -16.15 -12.27
CA PRO A 315 12.09 -16.27 -10.83
C PRO A 315 12.91 -15.20 -10.17
N ILE A 316 12.38 -14.54 -9.16
CA ILE A 316 13.25 -13.58 -8.54
C ILE A 316 13.17 -13.63 -7.01
N ILE A 317 14.30 -13.34 -6.39
CA ILE A 317 14.42 -13.25 -4.97
C ILE A 317 15.38 -12.05 -4.86
N LEU A 318 15.06 -11.04 -4.04
CA LEU A 318 15.84 -9.81 -3.96
C LEU A 318 15.77 -9.18 -2.55
N GLY A 319 16.81 -8.45 -2.16
CA GLY A 319 16.87 -7.75 -0.90
C GLY A 319 18.24 -7.76 -0.23
N SER A 320 18.22 -7.58 1.11
CA SER A 320 19.37 -7.44 2.00
C SER A 320 20.35 -8.52 1.66
N PRO A 321 21.63 -8.28 1.54
CA PRO A 321 22.60 -9.33 1.20
C PRO A 321 22.45 -10.60 2.06
N GLU A 322 22.76 -10.51 3.36
CA GLU A 322 22.75 -11.61 4.30
C GLU A 322 21.60 -12.60 4.23
N ASP A 323 20.40 -12.05 4.14
CA ASP A 323 19.18 -12.79 4.01
C ASP A 323 19.03 -13.59 2.75
N VAL A 324 19.48 -13.02 1.63
CA VAL A 324 19.40 -13.80 0.41
C VAL A 324 20.48 -14.87 0.47
N THR A 325 21.68 -14.52 0.96
CA THR A 325 22.80 -15.45 1.11
C THR A 325 22.28 -16.69 1.86
N GLU A 326 21.53 -16.38 2.93
CA GLU A 326 20.83 -17.36 3.72
C GLU A 326 20.01 -18.22 2.77
N LEU A 327 19.09 -17.75 1.91
CA LEU A 327 18.33 -18.69 1.09
C LEU A 327 19.20 -19.48 0.10
N LEU A 328 20.32 -18.94 -0.31
CA LEU A 328 21.13 -19.65 -1.27
C LEU A 328 21.81 -20.77 -0.56
N GLU A 329 22.40 -20.52 0.61
CA GLU A 329 23.06 -21.58 1.34
C GLU A 329 22.06 -22.70 1.61
N ILE A 330 20.80 -22.41 1.88
CA ILE A 330 19.80 -23.47 1.99
C ILE A 330 19.73 -24.18 0.64
N TYR A 331 19.46 -23.41 -0.43
CA TYR A 331 19.28 -23.93 -1.79
C TYR A 331 20.46 -24.76 -2.28
N GLN A 332 21.71 -24.49 -1.89
CA GLN A 332 22.85 -25.24 -2.38
C GLN A 332 22.76 -26.71 -1.95
N LYS A 333 22.44 -26.98 -0.69
CA LYS A 333 22.44 -28.32 -0.19
C LYS A 333 21.03 -28.82 -0.24
N HIS A 334 20.45 -28.76 -1.44
CA HIS A 334 19.08 -29.19 -1.75
C HIS A 334 19.16 -29.41 -3.26
N ALA A 335 18.07 -29.19 -4.01
CA ALA A 335 18.03 -29.32 -5.46
C ALA A 335 17.49 -27.98 -5.97
N PHE B 6 -16.36 20.39 -16.78
CA PHE B 6 -16.61 21.44 -15.80
C PHE B 6 -18.04 21.05 -15.32
N ASP B 7 -18.16 19.93 -14.60
CA ASP B 7 -19.40 19.15 -14.60
C ASP B 7 -20.33 19.14 -13.36
N THR B 8 -21.15 20.18 -13.48
CA THR B 8 -22.11 20.76 -12.53
C THR B 8 -22.92 20.16 -11.40
N ASN B 9 -22.84 18.89 -11.03
CA ASN B 9 -23.57 18.45 -9.84
C ASN B 9 -22.70 17.40 -9.15
N ILE B 10 -21.78 17.86 -8.28
CA ILE B 10 -20.95 16.92 -7.55
C ILE B 10 -21.51 16.64 -6.15
N VAL B 11 -21.66 15.33 -5.87
CA VAL B 11 -22.21 14.84 -4.61
C VAL B 11 -21.12 14.83 -3.54
N THR B 12 -20.95 15.96 -2.87
CA THR B 12 -19.97 16.10 -1.81
C THR B 12 -20.46 15.28 -0.62
N LEU B 13 -19.58 14.73 0.23
CA LEU B 13 -19.94 14.02 1.44
C LEU B 13 -20.99 14.88 2.12
N THR B 14 -20.67 16.16 2.32
CA THR B 14 -21.55 17.13 2.96
C THR B 14 -22.99 17.20 2.45
N ARG B 15 -23.20 17.08 1.14
CA ARG B 15 -24.51 17.10 0.55
C ARG B 15 -25.08 15.78 1.05
N PHE B 16 -24.48 14.66 0.72
CA PHE B 16 -25.05 13.35 1.02
C PHE B 16 -25.52 13.13 2.46
N VAL B 17 -24.66 13.50 3.39
CA VAL B 17 -24.93 13.40 4.81
C VAL B 17 -26.15 14.26 5.10
N MET B 18 -26.15 15.47 4.55
CA MET B 18 -27.27 16.36 4.75
C MET B 18 -28.54 15.83 4.18
N GLU B 19 -28.59 15.23 3.01
CA GLU B 19 -29.86 14.79 2.44
C GLU B 19 -30.41 13.54 3.12
N GLN B 20 -29.54 12.65 3.61
CA GLN B 20 -30.00 11.53 4.40
C GLN B 20 -30.49 12.13 5.72
N GLY B 21 -29.78 13.13 6.26
CA GLY B 21 -30.03 13.69 7.59
C GLY B 21 -31.13 14.71 7.75
N ARG B 22 -31.49 15.47 6.72
CA ARG B 22 -32.62 16.42 6.77
C ARG B 22 -33.86 15.56 7.06
N LYS B 23 -33.80 14.37 6.46
CA LYS B 23 -34.73 13.27 6.62
C LYS B 23 -34.39 12.54 7.95
N ALA B 24 -34.36 13.32 9.06
CA ALA B 24 -34.14 12.97 10.47
C ALA B 24 -34.29 14.31 11.19
N ARG B 25 -33.39 15.28 10.95
CA ARG B 25 -33.41 16.67 11.44
C ARG B 25 -33.28 16.91 12.96
N GLY B 26 -33.39 18.17 13.39
CA GLY B 26 -33.27 18.59 14.78
C GLY B 26 -31.83 19.01 14.93
N THR B 27 -31.20 18.75 16.07
CA THR B 27 -29.76 19.04 16.21
C THR B 27 -28.98 17.74 15.83
N GLY B 28 -29.14 17.23 14.59
CA GLY B 28 -28.39 16.08 14.06
C GLY B 28 -27.06 16.64 13.54
N GLU B 29 -26.20 17.07 14.49
CA GLU B 29 -24.95 17.78 14.27
C GLU B 29 -23.91 17.09 13.40
N MET B 30 -24.05 15.77 13.20
CA MET B 30 -23.22 14.96 12.33
C MET B 30 -22.65 15.70 11.14
N THR B 31 -23.43 16.43 10.33
CA THR B 31 -22.90 17.18 9.21
C THR B 31 -21.83 18.20 9.69
N GLN B 32 -21.96 19.20 10.59
CA GLN B 32 -20.80 20.04 10.87
C GLN B 32 -19.72 19.25 11.61
N LEU B 33 -20.05 18.12 12.23
CA LEU B 33 -19.01 17.27 12.77
C LEU B 33 -18.17 16.69 11.62
N LEU B 34 -18.76 15.97 10.65
CA LEU B 34 -18.06 15.31 9.55
C LEU B 34 -17.40 16.26 8.62
N ASN B 35 -18.04 17.40 8.49
CA ASN B 35 -17.54 18.49 7.68
C ASN B 35 -16.23 18.95 8.26
N SER B 36 -16.13 19.19 9.57
CA SER B 36 -14.85 19.46 10.22
C SER B 36 -13.90 18.27 10.15
N LEU B 37 -14.39 17.03 10.15
CA LEU B 37 -13.50 15.90 10.00
C LEU B 37 -12.83 15.94 8.62
N CYS B 38 -13.59 16.35 7.61
CA CYS B 38 -13.03 16.36 6.29
C CYS B 38 -11.93 17.39 6.19
N THR B 39 -12.04 18.56 6.81
CA THR B 39 -10.92 19.50 6.75
C THR B 39 -9.58 18.98 7.34
N ALA B 40 -9.49 18.29 8.48
CA ALA B 40 -8.24 17.72 8.95
C ALA B 40 -7.78 16.54 8.11
N VAL B 41 -8.67 15.67 7.64
CA VAL B 41 -8.29 14.56 6.81
C VAL B 41 -7.66 15.12 5.54
N LYS B 42 -8.19 16.20 4.97
CA LYS B 42 -7.60 16.84 3.80
C LYS B 42 -6.24 17.28 4.23
N ALA B 43 -6.17 18.13 5.22
CA ALA B 43 -4.92 18.65 5.69
C ALA B 43 -3.78 17.64 5.94
N ILE B 44 -4.20 16.47 6.41
CA ILE B 44 -3.25 15.43 6.65
C ILE B 44 -2.71 14.86 5.35
N SER B 45 -3.63 14.57 4.44
CA SER B 45 -3.30 14.00 3.16
C SER B 45 -2.21 14.78 2.46
N THR B 46 -2.30 16.11 2.38
CA THR B 46 -1.30 16.82 1.64
C THR B 46 -0.06 16.81 2.48
N ALA B 47 -0.14 16.89 3.82
CA ALA B 47 1.07 16.74 4.62
C ALA B 47 1.78 15.45 4.26
N VAL B 48 1.08 14.32 4.20
CA VAL B 48 1.71 13.01 4.05
C VAL B 48 2.23 12.84 2.63
N ARG B 49 1.55 13.45 1.67
CA ARG B 49 1.99 13.36 0.29
C ARG B 49 3.25 14.20 0.08
N LYS B 50 3.72 14.99 1.05
CA LYS B 50 4.95 15.77 0.97
C LYS B 50 5.87 15.40 2.14
N ALA B 51 5.60 14.52 3.11
CA ALA B 51 6.59 14.26 4.15
C ALA B 51 7.61 13.31 3.57
N GLY B 52 8.63 14.04 3.19
CA GLY B 52 9.73 13.46 2.48
C GLY B 52 10.37 14.64 1.84
N ILE B 53 9.59 15.61 1.36
CA ILE B 53 10.14 16.83 0.79
C ILE B 53 10.22 17.81 1.94
N ASP B 68 16.09 12.50 17.14
CA ASP B 68 15.35 13.15 18.21
C ASP B 68 13.93 12.70 17.95
N GLN B 69 13.30 12.98 16.79
CA GLN B 69 11.95 12.54 16.42
C GLN B 69 11.87 11.01 16.44
N VAL B 70 11.21 10.43 17.43
CA VAL B 70 10.92 9.01 17.32
C VAL B 70 9.45 8.97 16.84
N LYS B 71 8.69 10.04 17.05
CA LYS B 71 7.30 10.21 16.58
C LYS B 71 7.11 11.71 16.25
N LYS B 72 6.34 12.15 15.25
CA LYS B 72 6.02 13.58 15.09
C LYS B 72 4.86 13.87 14.18
N LEU B 73 4.83 13.59 12.88
CA LEU B 73 3.71 13.99 12.01
C LEU B 73 2.36 13.57 12.58
N ASP B 74 2.36 12.43 13.23
CA ASP B 74 1.17 11.93 13.89
C ASP B 74 0.83 12.74 15.15
N VAL B 75 1.72 13.27 16.01
CA VAL B 75 1.23 14.10 17.11
C VAL B 75 0.70 15.40 16.52
N LEU B 76 1.25 15.96 15.46
CA LEU B 76 0.61 17.12 14.86
C LEU B 76 -0.73 16.73 14.24
N SER B 77 -0.94 15.57 13.59
CA SER B 77 -2.29 15.16 13.17
C SER B 77 -3.27 15.11 14.33
N ASN B 78 -2.78 14.64 15.48
CA ASN B 78 -3.53 14.48 16.72
C ASN B 78 -4.09 15.84 17.10
N ASP B 79 -3.16 16.80 17.22
CA ASP B 79 -3.49 18.17 17.48
C ASP B 79 -4.49 18.74 16.53
N LEU B 80 -4.31 18.42 15.26
CA LEU B 80 -5.20 18.92 14.25
C LEU B 80 -6.61 18.40 14.49
N VAL B 81 -6.77 17.08 14.55
CA VAL B 81 -8.08 16.44 14.64
C VAL B 81 -8.86 16.98 15.84
N ILE B 82 -8.20 17.04 17.00
CA ILE B 82 -8.80 17.54 18.21
C ILE B 82 -9.38 18.90 17.99
N ASN B 83 -8.59 19.80 17.39
CA ASN B 83 -9.03 21.16 17.17
C ASN B 83 -10.22 21.28 16.27
N VAL B 84 -10.24 20.49 15.19
CA VAL B 84 -11.35 20.64 14.30
C VAL B 84 -12.52 20.04 15.00
N LEU B 85 -12.43 18.83 15.57
CA LEU B 85 -13.53 18.18 16.27
C LEU B 85 -14.26 19.14 17.19
N LYS B 86 -13.56 19.68 18.17
CA LYS B 86 -14.01 20.75 19.05
C LYS B 86 -14.70 21.99 18.42
N SER B 87 -14.24 22.54 17.28
CA SER B 87 -14.83 23.76 16.73
C SER B 87 -16.13 23.57 15.95
N SER B 88 -16.48 22.31 15.68
CA SER B 88 -17.78 22.00 15.13
C SER B 88 -18.46 21.98 16.49
N PHE B 89 -19.38 22.90 16.80
CA PHE B 89 -19.99 22.94 18.11
C PHE B 89 -21.03 21.83 18.09
N ALA B 90 -20.40 20.67 18.21
CA ALA B 90 -20.94 19.36 17.94
C ALA B 90 -20.36 18.28 18.85
N THR B 91 -19.31 18.61 19.61
CA THR B 91 -18.64 17.61 20.43
C THR B 91 -18.57 17.87 21.95
N CYS B 92 -18.30 16.79 22.70
CA CYS B 92 -18.08 16.82 24.14
C CYS B 92 -16.98 15.89 24.66
N VAL B 93 -16.79 14.64 24.25
CA VAL B 93 -15.66 13.86 24.77
C VAL B 93 -14.90 13.27 23.57
N LEU B 94 -13.60 13.49 23.42
CA LEU B 94 -12.82 13.02 22.29
C LEU B 94 -11.91 11.88 22.79
N VAL B 95 -11.47 10.90 21.97
CA VAL B 95 -10.58 9.79 22.41
C VAL B 95 -9.45 9.51 21.40
N THR B 96 -8.18 9.71 21.74
CA THR B 96 -7.05 9.46 20.87
C THR B 96 -6.28 8.19 21.23
N GLU B 97 -5.35 7.81 20.39
CA GLU B 97 -4.39 6.83 20.74
C GLU B 97 -3.39 7.58 21.62
N GLU B 98 -2.75 8.66 21.19
CA GLU B 98 -1.78 9.44 22.00
C GLU B 98 -2.15 9.93 23.40
N ASP B 99 -3.27 10.64 23.53
CA ASP B 99 -3.70 11.18 24.82
C ASP B 99 -4.36 10.13 25.70
N LYS B 100 -3.67 10.06 26.84
CA LYS B 100 -3.95 9.17 27.94
C LYS B 100 -5.39 9.04 28.38
N ASN B 101 -5.91 10.22 28.59
CA ASN B 101 -7.18 10.40 29.20
C ASN B 101 -8.14 10.75 28.12
N ALA B 102 -9.44 10.56 28.36
CA ALA B 102 -10.44 11.00 27.40
C ALA B 102 -10.44 12.52 27.48
N ILE B 103 -10.40 13.28 26.39
CA ILE B 103 -10.37 14.75 26.51
C ILE B 103 -11.79 15.31 26.44
N ILE B 104 -12.10 16.10 27.47
CA ILE B 104 -13.43 16.66 27.63
C ILE B 104 -13.49 18.12 27.21
N VAL B 105 -14.35 18.32 26.24
CA VAL B 105 -14.57 19.59 25.58
C VAL B 105 -15.15 20.55 26.57
N GLU B 106 -14.94 21.83 26.37
CA GLU B 106 -15.33 22.88 27.31
C GLU B 106 -16.64 23.60 26.93
N PRO B 107 -17.40 24.17 27.89
CA PRO B 107 -18.86 24.31 27.85
C PRO B 107 -19.44 24.98 26.62
N GLU B 108 -18.81 26.07 26.26
CA GLU B 108 -19.29 26.88 25.17
C GLU B 108 -19.00 26.31 23.78
N LYS B 109 -18.41 25.11 23.70
CA LYS B 109 -18.18 24.46 22.42
C LYS B 109 -18.80 23.05 22.42
N ARG B 110 -19.58 22.76 23.46
CA ARG B 110 -20.16 21.43 23.60
C ARG B 110 -21.36 21.17 22.69
N GLY B 111 -21.49 19.97 22.18
CA GLY B 111 -22.61 19.56 21.38
C GLY B 111 -22.83 18.12 21.77
N LYS B 112 -23.76 17.41 21.14
CA LYS B 112 -24.11 16.10 21.62
C LYS B 112 -23.20 14.91 21.38
N TYR B 113 -22.09 14.92 20.64
CA TYR B 113 -21.35 13.68 20.36
C TYR B 113 -19.99 13.39 21.00
N VAL B 114 -19.75 12.10 21.11
CA VAL B 114 -18.54 11.56 21.66
C VAL B 114 -17.78 10.97 20.47
N VAL B 115 -16.53 11.31 20.16
CA VAL B 115 -15.83 10.74 19.02
C VAL B 115 -14.48 10.14 19.39
N CYS B 116 -14.38 8.88 18.99
CA CYS B 116 -13.21 8.03 19.12
C CYS B 116 -12.38 8.05 17.84
N PHE B 117 -11.08 8.33 17.86
CA PHE B 117 -10.30 8.37 16.64
C PHE B 117 -8.83 7.97 16.76
N ASP B 118 -8.31 7.35 15.72
CA ASP B 118 -6.90 7.08 15.66
C ASP B 118 -6.48 8.02 14.56
N PRO B 119 -5.80 9.12 14.88
CA PRO B 119 -5.38 10.07 13.90
C PRO B 119 -4.45 9.52 12.83
N LEU B 120 -3.42 8.65 12.97
CA LEU B 120 -2.59 8.26 11.81
C LEU B 120 -2.09 6.84 12.01
N ASP B 121 -2.97 5.86 11.74
CA ASP B 121 -2.64 4.42 11.78
C ASP B 121 -1.56 4.25 10.74
N GLY B 122 -0.45 3.60 11.09
CA GLY B 122 0.67 3.37 10.17
C GLY B 122 1.66 4.54 10.06
N SER B 123 1.62 5.62 10.89
CA SER B 123 2.58 6.72 10.84
C SER B 123 4.02 6.22 10.95
N SER B 124 4.10 5.05 11.55
CA SER B 124 5.26 4.21 11.76
C SER B 124 5.67 3.33 10.56
N ASN B 125 5.20 3.61 9.36
CA ASN B 125 5.55 2.87 8.16
C ASN B 125 5.54 3.92 7.04
N ILE B 126 5.49 5.26 7.31
CA ILE B 126 5.38 6.26 6.22
C ILE B 126 6.57 6.11 5.29
N ASP B 127 7.73 5.89 5.88
CA ASP B 127 8.99 5.79 5.19
C ASP B 127 8.93 4.85 4.00
N CYS B 128 8.14 3.78 4.05
CA CYS B 128 8.11 2.92 2.89
C CYS B 128 6.95 3.17 1.92
N LEU B 129 6.13 4.18 2.26
CA LEU B 129 4.95 4.70 1.57
C LEU B 129 3.81 3.68 1.31
N VAL B 130 3.70 2.84 2.34
CA VAL B 130 2.76 1.76 2.50
C VAL B 130 1.29 2.03 2.07
N SER B 131 0.58 2.85 2.87
CA SER B 131 -0.82 3.24 2.83
C SER B 131 -1.21 3.42 4.29
N ILE B 132 -1.86 4.50 4.73
CA ILE B 132 -2.20 4.74 6.13
C ILE B 132 -3.53 5.45 6.32
N GLY B 133 -4.05 5.72 7.51
CA GLY B 133 -5.32 6.39 7.59
C GLY B 133 -5.72 6.88 8.95
N THR B 134 -6.83 7.59 8.99
CA THR B 134 -7.40 8.11 10.20
C THR B 134 -8.53 7.19 10.57
N ILE B 135 -8.62 6.49 11.68
CA ILE B 135 -9.85 5.75 11.97
C ILE B 135 -10.72 6.67 12.85
N PHE B 136 -12.06 6.69 12.76
CA PHE B 136 -12.89 7.48 13.65
C PHE B 136 -14.18 6.73 13.88
N GLY B 137 -14.71 6.82 15.08
CA GLY B 137 -15.95 6.23 15.54
C GLY B 137 -16.69 7.35 16.27
N ILE B 138 -17.90 7.63 15.88
CA ILE B 138 -18.65 8.61 16.61
C ILE B 138 -19.66 7.85 17.47
N TYR B 139 -19.96 8.51 18.59
CA TYR B 139 -20.89 8.08 19.63
C TYR B 139 -21.78 9.27 20.00
N ARG B 140 -22.94 9.05 20.63
CA ARG B 140 -23.82 10.13 21.05
C ARG B 140 -23.77 10.07 22.55
N LYS B 141 -23.49 11.21 23.16
CA LYS B 141 -23.42 11.34 24.60
C LYS B 141 -24.86 11.10 25.08
N ASN B 142 -24.96 10.04 25.89
CA ASN B 142 -26.25 9.55 26.36
C ASN B 142 -26.69 10.01 27.73
N SER B 143 -26.04 9.45 28.75
CA SER B 143 -26.32 9.82 30.12
C SER B 143 -25.95 11.31 30.19
N THR B 144 -26.84 12.11 30.78
CA THR B 144 -26.82 13.56 30.84
C THR B 144 -25.56 14.32 31.27
N ASP B 145 -25.72 15.21 32.22
CA ASP B 145 -24.83 16.32 32.53
C ASP B 145 -23.67 15.94 33.43
N GLU B 146 -23.10 14.77 33.16
CA GLU B 146 -22.01 14.13 33.88
C GLU B 146 -20.85 15.03 34.39
N PRO B 147 -20.46 16.20 33.84
CA PRO B 147 -20.70 16.68 32.50
C PRO B 147 -20.60 15.68 31.38
N SER B 148 -19.52 14.94 31.21
CA SER B 148 -19.40 14.06 30.07
C SER B 148 -18.32 12.97 30.00
N GLU B 149 -17.50 12.98 31.03
CA GLU B 149 -16.18 12.39 31.00
C GLU B 149 -15.72 10.95 30.66
N LYS B 150 -16.45 9.88 30.30
CA LYS B 150 -15.89 8.58 29.86
C LYS B 150 -17.02 7.58 29.85
N ASP B 151 -18.03 7.77 30.71
CA ASP B 151 -19.25 6.95 30.77
C ASP B 151 -19.84 7.15 29.39
N ALA B 152 -20.19 8.40 29.05
CA ALA B 152 -20.69 8.75 27.75
C ALA B 152 -19.87 8.20 26.54
N LEU B 153 -18.60 7.78 26.76
CA LEU B 153 -17.68 7.22 25.78
C LEU B 153 -17.55 5.70 25.69
N GLN B 154 -17.97 4.94 26.67
CA GLN B 154 -17.74 3.50 26.63
C GLN B 154 -18.92 2.58 26.23
N PRO B 155 -19.88 2.91 25.35
CA PRO B 155 -20.71 1.90 24.66
C PRO B 155 -19.97 0.80 23.87
N GLY B 156 -20.72 -0.15 23.27
CA GLY B 156 -20.16 -1.13 22.33
C GLY B 156 -20.71 -0.85 20.93
N ARG B 157 -21.61 -1.71 20.42
CA ARG B 157 -22.39 -1.64 19.17
C ARG B 157 -23.29 -0.41 19.06
N ASN B 158 -23.01 0.64 19.80
CA ASN B 158 -23.88 1.79 19.83
C ASN B 158 -23.41 2.94 18.96
N LEU B 159 -22.35 2.71 18.16
CA LEU B 159 -21.80 3.73 17.27
C LEU B 159 -22.86 4.34 16.37
N VAL B 160 -22.88 5.67 16.29
CA VAL B 160 -23.87 6.31 15.42
C VAL B 160 -23.49 6.16 13.94
N ALA B 161 -22.22 6.42 13.70
CA ALA B 161 -21.61 6.34 12.39
C ALA B 161 -20.12 6.18 12.67
N ALA B 162 -19.37 5.45 11.87
CA ALA B 162 -17.95 5.31 12.10
C ALA B 162 -17.26 5.25 10.73
N GLY B 163 -15.95 5.00 10.60
CA GLY B 163 -15.33 4.80 9.30
C GLY B 163 -13.88 5.25 9.26
N TYR B 164 -13.28 5.28 8.10
CA TYR B 164 -11.87 5.59 8.00
C TYR B 164 -11.45 6.38 6.77
N ALA B 165 -10.35 7.08 6.92
CA ALA B 165 -9.73 7.77 5.84
C ALA B 165 -8.55 6.93 5.39
N LEU B 166 -8.47 6.47 4.15
CA LEU B 166 -7.30 5.74 3.64
C LEU B 166 -6.46 6.74 2.82
N TYR B 167 -5.25 7.14 3.18
CA TYR B 167 -4.38 8.00 2.38
C TYR B 167 -3.49 7.08 1.55
N GLY B 168 -3.90 6.71 0.34
CA GLY B 168 -3.11 5.83 -0.48
C GLY B 168 -2.78 6.50 -1.80
N SER B 169 -3.02 5.74 -2.88
CA SER B 169 -2.89 6.18 -4.26
C SER B 169 -3.65 7.50 -4.35
N ALA B 170 -4.78 7.50 -3.63
CA ALA B 170 -5.64 8.64 -3.46
C ALA B 170 -6.18 8.56 -2.02
N THR B 171 -6.89 9.56 -1.54
CA THR B 171 -7.42 9.60 -0.19
C THR B 171 -8.83 9.11 -0.29
N MET B 172 -9.27 8.06 0.37
CA MET B 172 -10.64 7.54 0.24
C MET B 172 -11.32 7.73 1.57
N LEU B 173 -12.48 8.34 1.70
CA LEU B 173 -13.09 8.42 3.02
C LEU B 173 -14.23 7.45 2.97
N VAL B 174 -14.21 6.35 3.72
CA VAL B 174 -15.37 5.48 3.83
C VAL B 174 -16.11 5.92 5.09
N LEU B 175 -17.41 6.24 4.96
CA LEU B 175 -18.32 6.58 6.05
C LEU B 175 -19.28 5.40 6.27
N ALA B 176 -19.36 4.84 7.45
CA ALA B 176 -20.26 3.74 7.76
C ALA B 176 -21.29 4.41 8.63
N MET B 177 -22.53 4.42 8.19
CA MET B 177 -23.63 5.08 8.88
C MET B 177 -24.66 4.01 9.22
N VAL B 178 -25.68 4.54 9.87
CA VAL B 178 -26.88 3.80 10.14
C VAL B 178 -27.35 3.14 8.81
N ASN B 179 -27.56 3.94 7.74
CA ASN B 179 -28.08 3.47 6.44
C ASN B 179 -27.19 2.50 5.64
N GLY B 180 -25.96 2.27 6.07
CA GLY B 180 -25.06 1.42 5.31
C GLY B 180 -23.78 2.18 5.01
N VAL B 181 -22.96 1.58 4.14
CA VAL B 181 -21.62 2.06 3.82
C VAL B 181 -21.55 2.65 2.43
N ASN B 182 -20.88 3.81 2.34
CA ASN B 182 -20.62 4.44 1.07
C ASN B 182 -19.18 4.91 1.09
N CYS B 183 -18.58 5.09 -0.09
CA CYS B 183 -17.22 5.59 -0.21
C CYS B 183 -17.15 6.92 -0.95
N PHE B 184 -16.23 7.75 -0.49
CA PHE B 184 -15.98 9.08 -1.02
C PHE B 184 -14.54 9.15 -1.50
N MET B 185 -14.22 10.04 -2.41
CA MET B 185 -12.86 10.13 -2.88
C MET B 185 -12.49 11.57 -2.75
N LEU B 186 -11.26 11.89 -2.41
CA LEU B 186 -10.84 13.27 -2.43
C LEU B 186 -10.47 13.56 -3.87
N ASP B 187 -11.33 14.45 -4.35
CA ASP B 187 -11.15 15.10 -5.63
C ASP B 187 -10.07 16.10 -5.28
N PRO B 188 -8.85 15.75 -5.72
CA PRO B 188 -7.69 16.51 -5.38
C PRO B 188 -7.80 17.89 -6.00
N ALA B 189 -8.52 18.02 -7.13
CA ALA B 189 -8.64 19.28 -7.82
C ALA B 189 -9.66 20.21 -7.12
N ILE B 190 -10.91 19.83 -6.74
CA ILE B 190 -11.80 20.84 -6.12
C ILE B 190 -11.81 20.97 -4.60
N GLY B 191 -11.11 20.09 -3.86
CA GLY B 191 -11.02 20.15 -2.41
C GLY B 191 -12.18 19.43 -1.72
N GLU B 192 -12.69 18.34 -2.33
CA GLU B 192 -13.88 17.67 -1.84
C GLU B 192 -13.86 16.14 -1.83
N PHE B 193 -14.70 15.51 -0.98
CA PHE B 193 -14.91 14.08 -0.93
C PHE B 193 -16.17 13.82 -1.70
N ILE B 194 -15.94 13.39 -2.92
CA ILE B 194 -17.03 13.16 -3.81
C ILE B 194 -17.50 11.71 -3.71
N LEU B 195 -18.79 11.49 -3.82
CA LEU B 195 -19.31 10.15 -3.73
C LEU B 195 -18.85 9.16 -4.79
N VAL B 196 -17.99 8.18 -4.44
CA VAL B 196 -17.64 7.17 -5.41
C VAL B 196 -18.48 5.92 -5.37
N ASP B 197 -18.95 5.37 -4.27
CA ASP B 197 -19.79 4.19 -4.42
C ASP B 197 -20.87 4.41 -3.44
N ARG B 198 -22.08 4.06 -3.78
CA ARG B 198 -23.16 4.51 -2.95
C ARG B 198 -23.57 3.52 -1.92
N ASN B 199 -23.61 2.20 -2.06
CA ASN B 199 -24.08 1.47 -0.89
C ASN B 199 -23.40 0.13 -0.78
N VAL B 200 -22.07 0.19 -0.68
CA VAL B 200 -21.27 -1.03 -0.74
C VAL B 200 -21.62 -2.10 0.30
N LYS B 201 -21.51 -3.35 -0.18
CA LYS B 201 -21.80 -4.59 0.54
C LYS B 201 -20.72 -5.52 0.06
N ILE B 202 -20.24 -6.30 1.02
CA ILE B 202 -19.16 -7.24 0.79
C ILE B 202 -19.57 -8.52 0.08
N LYS B 203 -18.56 -9.07 -0.56
CA LYS B 203 -18.59 -10.36 -1.25
C LYS B 203 -18.84 -11.37 -0.12
N LYS B 204 -19.74 -12.34 -0.32
CA LYS B 204 -20.05 -13.28 0.74
C LYS B 204 -18.88 -14.16 1.16
N LYS B 205 -18.13 -14.62 0.17
CA LYS B 205 -16.86 -15.16 0.55
C LYS B 205 -15.89 -14.71 -0.50
N GLY B 206 -14.78 -14.31 0.12
CA GLY B 206 -13.64 -13.75 -0.58
C GLY B 206 -12.65 -14.83 -0.95
N SER B 207 -11.42 -14.44 -1.26
CA SER B 207 -10.47 -15.46 -1.72
C SER B 207 -9.09 -15.13 -1.18
N ILE B 208 -9.04 -14.39 -0.07
CA ILE B 208 -7.80 -13.82 0.41
C ILE B 208 -7.84 -13.86 1.91
N TYR B 209 -6.69 -14.10 2.55
CA TYR B 209 -6.63 -14.06 3.98
C TYR B 209 -5.45 -13.17 4.37
N SER B 210 -5.76 -12.25 5.26
CA SER B 210 -4.81 -11.27 5.74
C SER B 210 -4.40 -11.52 7.17
N ILE B 211 -3.20 -12.06 7.43
CA ILE B 211 -2.66 -12.26 8.78
C ILE B 211 -1.12 -12.20 8.79
N ASN B 212 -0.48 -11.70 9.86
CA ASN B 212 0.99 -11.67 9.92
C ASN B 212 1.54 -13.03 10.33
N GLU B 213 1.75 -13.90 9.36
CA GLU B 213 2.20 -15.26 9.65
C GLU B 213 3.61 -15.45 10.11
N GLY B 214 4.24 -14.34 10.41
CA GLY B 214 5.60 -14.38 10.83
C GLY B 214 5.49 -14.66 12.29
N TYR B 215 5.39 -13.60 13.11
CA TYR B 215 5.41 -13.80 14.57
C TYR B 215 4.06 -13.85 15.22
N ALA B 216 3.42 -14.73 14.56
CA ALA B 216 2.16 -15.10 15.00
C ALA B 216 2.21 -16.58 14.68
N LYS B 217 2.82 -17.15 13.61
CA LYS B 217 2.60 -18.54 13.26
C LYS B 217 2.83 -19.58 14.33
N GLU B 218 3.89 -19.35 15.07
CA GLU B 218 4.28 -20.14 16.21
C GLU B 218 3.35 -19.87 17.39
N PHE B 219 2.96 -18.61 17.59
CA PHE B 219 2.05 -18.23 18.67
C PHE B 219 0.56 -18.34 18.33
N ASP B 220 0.19 -18.66 17.11
CA ASP B 220 -1.21 -18.74 16.69
C ASP B 220 -1.97 -19.88 17.40
N PRO B 221 -3.24 -19.69 17.88
CA PRO B 221 -4.01 -20.70 18.66
C PRO B 221 -4.77 -21.82 17.93
N ALA B 222 -6.06 -21.55 17.64
CA ALA B 222 -6.94 -22.45 16.90
C ALA B 222 -6.73 -22.16 15.45
N ILE B 223 -6.68 -20.83 15.19
CA ILE B 223 -6.47 -20.17 13.91
C ILE B 223 -5.45 -20.84 12.97
N THR B 224 -4.58 -21.60 13.56
CA THR B 224 -3.61 -22.40 12.87
C THR B 224 -4.33 -23.41 11.96
N GLU B 225 -5.34 -24.20 12.38
CA GLU B 225 -6.08 -25.12 11.49
C GLU B 225 -6.64 -24.30 10.32
N TYR B 226 -7.19 -23.12 10.67
CA TYR B 226 -7.78 -22.21 9.71
C TYR B 226 -6.79 -21.79 8.63
N ILE B 227 -5.60 -21.31 8.94
CA ILE B 227 -4.63 -20.98 7.90
C ILE B 227 -4.25 -22.23 7.14
N GLN B 228 -4.10 -23.41 7.76
CA GLN B 228 -3.78 -24.65 7.04
C GLN B 228 -4.81 -24.85 5.94
N ARG B 229 -6.07 -24.82 6.30
CA ARG B 229 -7.15 -25.02 5.36
C ARG B 229 -7.33 -23.87 4.37
N LYS B 230 -6.62 -22.75 4.59
CA LYS B 230 -6.69 -21.70 3.60
C LYS B 230 -5.55 -21.91 2.63
N LYS B 231 -4.36 -22.34 3.05
CA LYS B 231 -3.27 -22.67 2.11
C LYS B 231 -3.58 -24.03 1.50
N PHE B 232 -3.38 -25.10 2.26
CA PHE B 232 -3.62 -26.47 1.85
C PHE B 232 -5.12 -26.76 1.75
N PRO B 233 -5.68 -26.94 0.56
CA PRO B 233 -7.11 -27.06 0.36
C PRO B 233 -7.53 -28.53 0.40
N PRO B 234 -8.49 -28.88 1.26
CA PRO B 234 -8.83 -30.25 1.56
C PRO B 234 -9.94 -30.72 0.63
N ASP B 235 -9.66 -30.80 -0.66
CA ASP B 235 -10.61 -31.13 -1.72
C ASP B 235 -9.72 -30.85 -2.94
N ASN B 236 -10.37 -30.47 -4.03
CA ASN B 236 -9.81 -29.90 -5.24
C ASN B 236 -9.83 -28.36 -5.19
N SER B 237 -10.42 -27.75 -4.14
CA SER B 237 -10.53 -26.29 -4.02
C SER B 237 -9.22 -25.55 -4.24
N ALA B 238 -9.25 -24.41 -4.91
CA ALA B 238 -8.05 -23.63 -5.13
C ALA B 238 -7.63 -22.79 -3.88
N PRO B 239 -6.41 -22.90 -3.34
CA PRO B 239 -5.93 -22.18 -2.17
C PRO B 239 -6.14 -20.68 -2.11
N TYR B 240 -6.36 -20.17 -0.90
CA TYR B 240 -6.49 -18.74 -0.68
C TYR B 240 -5.14 -18.03 -0.76
N GLY B 241 -5.21 -16.88 -1.44
CA GLY B 241 -4.04 -16.07 -1.66
C GLY B 241 -3.74 -15.23 -0.45
N ALA B 242 -2.48 -15.22 -0.04
CA ALA B 242 -2.06 -14.41 1.08
C ALA B 242 -2.02 -12.92 0.73
N ARG B 243 -2.34 -12.02 1.65
CA ARG B 243 -2.21 -10.61 1.36
C ARG B 243 -2.19 -9.86 2.67
N TYR B 244 -1.07 -9.23 3.00
CA TYR B 244 -1.00 -8.44 4.23
C TYR B 244 -0.15 -7.19 4.03
N VAL B 245 -0.76 -6.03 3.97
CA VAL B 245 0.00 -4.82 3.76
C VAL B 245 0.65 -4.35 5.06
N GLY B 246 0.07 -4.75 6.18
CA GLY B 246 0.59 -4.41 7.49
C GLY B 246 0.21 -3.02 7.96
N SER B 247 -0.92 -2.46 7.52
CA SER B 247 -1.46 -1.16 7.97
C SER B 247 -2.93 -1.44 7.95
N MET B 248 -3.61 -1.30 9.08
CA MET B 248 -4.96 -1.81 9.22
C MET B 248 -5.91 -1.22 8.22
N VAL B 249 -5.82 0.11 7.96
CA VAL B 249 -6.66 0.83 7.00
C VAL B 249 -6.55 0.11 5.67
N ALA B 250 -5.33 -0.24 5.29
CA ALA B 250 -5.07 -0.93 4.05
C ALA B 250 -5.60 -2.36 4.00
N ASP B 251 -5.52 -3.14 5.06
CA ASP B 251 -5.98 -4.49 4.92
C ASP B 251 -7.47 -4.51 5.10
N VAL B 252 -8.12 -3.77 6.00
CA VAL B 252 -9.58 -3.79 6.13
C VAL B 252 -10.23 -3.36 4.84
N HIS B 253 -9.87 -2.20 4.25
CA HIS B 253 -10.47 -1.70 3.01
C HIS B 253 -10.28 -2.72 1.88
N ARG B 254 -9.10 -3.31 1.66
CA ARG B 254 -8.98 -4.33 0.60
C ARG B 254 -9.91 -5.49 0.87
N THR B 255 -10.09 -5.88 2.11
CA THR B 255 -10.98 -6.97 2.44
C THR B 255 -12.40 -6.45 2.22
N LEU B 256 -12.79 -5.22 2.49
CA LEU B 256 -14.11 -4.75 2.12
C LEU B 256 -14.35 -4.85 0.59
N VAL B 257 -13.36 -4.71 -0.30
CA VAL B 257 -13.60 -4.81 -1.75
C VAL B 257 -13.30 -6.17 -2.40
N TYR B 258 -12.25 -6.95 -2.14
CA TYR B 258 -12.09 -8.23 -2.82
C TYR B 258 -12.54 -9.42 -1.96
N GLY B 259 -13.11 -9.04 -0.81
CA GLY B 259 -13.57 -10.00 0.17
C GLY B 259 -12.36 -10.60 0.86
N GLY B 260 -12.59 -11.64 1.64
CA GLY B 260 -11.55 -12.31 2.36
C GLY B 260 -11.65 -12.09 3.85
N ILE B 261 -10.76 -12.75 4.58
CA ILE B 261 -10.70 -12.70 6.04
C ILE B 261 -9.46 -11.90 6.46
N PHE B 262 -9.59 -11.10 7.50
CA PHE B 262 -8.48 -10.32 8.01
C PHE B 262 -8.47 -10.64 9.48
N MET B 263 -7.27 -10.86 10.01
CA MET B 263 -7.19 -11.23 11.40
C MET B 263 -5.98 -10.80 12.17
N TYR B 264 -6.41 -10.52 13.39
CA TYR B 264 -5.53 -10.16 14.46
C TYR B 264 -5.76 -10.89 15.78
N PRO B 265 -5.18 -12.10 15.92
CA PRO B 265 -5.22 -12.99 17.09
C PRO B 265 -3.93 -13.13 17.95
N ALA B 266 -3.12 -12.07 18.00
CA ALA B 266 -1.72 -11.97 18.50
C ALA B 266 -0.97 -12.75 19.59
N ASN B 267 -1.63 -13.63 20.34
CA ASN B 267 -1.15 -14.23 21.57
C ASN B 267 -0.16 -13.50 22.48
N LYS B 268 1.09 -13.20 22.11
CA LYS B 268 2.00 -12.57 23.05
C LYS B 268 1.84 -11.05 23.21
N LYS B 269 0.77 -10.58 22.54
CA LYS B 269 0.10 -9.29 22.70
C LYS B 269 -1.14 -10.06 23.17
N SER B 270 -1.38 -10.08 24.47
CA SER B 270 -2.24 -11.09 25.07
C SER B 270 -3.75 -11.16 25.15
N PRO B 271 -4.65 -10.20 25.40
CA PRO B 271 -5.93 -10.07 24.72
C PRO B 271 -5.58 -9.80 23.27
N LYS B 272 -5.16 -10.96 22.74
CA LYS B 272 -4.45 -11.14 21.51
C LYS B 272 -4.89 -10.45 20.27
N GLY B 273 -4.46 -9.24 20.50
CA GLY B 273 -4.68 -8.18 19.60
C GLY B 273 -3.79 -7.11 20.15
N LYS B 274 -3.28 -6.38 19.21
CA LYS B 274 -2.51 -5.19 19.45
C LYS B 274 -3.59 -4.10 19.41
N LEU B 275 -4.64 -4.38 18.63
CA LEU B 275 -5.60 -3.39 18.20
C LEU B 275 -6.50 -2.94 19.31
N ARG B 276 -6.66 -1.64 19.45
CA ARG B 276 -7.54 -1.13 20.49
C ARG B 276 -9.00 -1.15 20.07
N LEU B 277 -9.91 -1.29 21.05
CA LEU B 277 -11.32 -1.35 20.75
C LEU B 277 -11.87 -0.02 20.34
N LEU B 278 -11.90 1.02 21.20
CA LEU B 278 -12.62 2.23 20.84
C LEU B 278 -12.31 2.92 19.55
N TYR B 279 -11.01 2.95 19.22
CA TYR B 279 -10.51 3.58 18.01
C TYR B 279 -10.24 2.57 16.91
N GLU B 280 -9.26 1.69 16.96
CA GLU B 280 -9.13 0.71 15.91
C GLU B 280 -10.27 -0.30 15.69
N CYS B 281 -10.46 -1.35 16.46
CA CYS B 281 -11.46 -2.40 16.20
C CYS B 281 -12.93 -2.02 15.97
N ASN B 282 -13.40 -1.09 16.77
CA ASN B 282 -14.80 -0.80 16.76
C ASN B 282 -15.21 -0.10 15.50
N PRO B 283 -14.64 1.01 15.02
CA PRO B 283 -14.97 1.58 13.73
C PRO B 283 -14.96 0.56 12.61
N MET B 284 -13.93 -0.30 12.52
CA MET B 284 -13.89 -1.28 11.46
C MET B 284 -15.01 -2.31 11.58
N ALA B 285 -15.26 -2.93 12.72
CA ALA B 285 -16.35 -3.87 12.85
C ALA B 285 -17.67 -3.19 12.52
N TYR B 286 -17.98 -1.95 12.95
CA TYR B 286 -19.20 -1.23 12.51
C TYR B 286 -19.26 -1.03 10.97
N VAL B 287 -18.14 -0.76 10.24
CA VAL B 287 -18.16 -0.68 8.79
C VAL B 287 -18.48 -2.10 8.29
N MET B 288 -17.66 -3.15 8.48
CA MET B 288 -17.91 -4.51 7.99
C MET B 288 -19.31 -5.04 8.21
N GLU B 289 -19.83 -4.76 9.40
CA GLU B 289 -21.15 -5.19 9.69
C GLU B 289 -22.12 -4.37 8.89
N LYS B 290 -22.10 -3.04 8.83
CA LYS B 290 -23.07 -2.36 7.98
C LYS B 290 -22.93 -2.65 6.49
N ALA B 291 -21.98 -3.46 6.10
CA ALA B 291 -21.82 -3.88 4.75
C ALA B 291 -21.94 -5.41 4.62
N GLY B 292 -22.66 -6.04 5.55
CA GLY B 292 -22.91 -7.48 5.49
C GLY B 292 -21.71 -8.41 5.74
N GLY B 293 -20.82 -8.03 6.65
CA GLY B 293 -19.62 -8.81 6.93
C GLY B 293 -19.51 -9.07 8.41
N LEU B 294 -18.69 -10.04 8.81
CA LEU B 294 -18.62 -10.38 10.23
C LEU B 294 -17.37 -9.92 10.92
N ALA B 295 -17.48 -9.52 12.18
CA ALA B 295 -16.31 -9.21 12.98
C ALA B 295 -16.49 -9.83 14.36
N THR B 296 -15.75 -10.89 14.63
CA THR B 296 -15.88 -11.59 15.90
C THR B 296 -14.56 -11.44 16.63
N THR B 297 -14.76 -11.53 17.91
CA THR B 297 -13.65 -11.62 18.81
C THR B 297 -13.19 -13.05 18.70
N GLY B 298 -14.03 -13.93 18.17
CA GLY B 298 -13.71 -15.32 18.01
C GLY B 298 -14.46 -16.08 19.08
N LYS B 299 -14.66 -15.42 20.24
CA LYS B 299 -15.52 -15.94 21.25
C LYS B 299 -16.75 -15.06 21.01
N GLU B 300 -16.79 -13.82 21.47
CA GLU B 300 -17.97 -13.00 21.24
C GLU B 300 -17.91 -12.21 19.95
N ALA B 301 -18.89 -11.37 19.77
CA ALA B 301 -18.88 -10.55 18.61
C ALA B 301 -18.14 -9.33 19.09
N VAL B 302 -17.15 -8.84 18.35
CA VAL B 302 -16.40 -7.64 18.79
C VAL B 302 -17.31 -6.47 19.11
N LEU B 303 -18.41 -6.31 18.37
CA LEU B 303 -19.32 -5.19 18.62
C LEU B 303 -20.02 -5.19 19.96
N ASP B 304 -20.06 -6.35 20.62
CA ASP B 304 -20.79 -6.49 21.87
C ASP B 304 -19.94 -6.43 23.14
N ILE B 305 -18.61 -6.33 23.04
CA ILE B 305 -17.78 -6.28 24.24
C ILE B 305 -18.04 -4.94 24.95
N VAL B 306 -17.87 -4.93 26.27
CA VAL B 306 -18.08 -3.72 27.05
C VAL B 306 -16.71 -3.17 27.45
N PRO B 307 -16.53 -1.86 27.19
CA PRO B 307 -15.33 -1.11 27.56
C PRO B 307 -15.17 -0.83 29.05
N THR B 308 -14.01 -1.19 29.61
CA THR B 308 -13.63 -0.93 30.99
C THR B 308 -12.63 0.24 31.00
N ASP B 309 -11.71 0.27 30.03
CA ASP B 309 -10.83 1.41 29.86
C ASP B 309 -10.79 1.76 28.39
N ILE B 310 -10.56 3.05 28.12
CA ILE B 310 -10.50 3.62 26.78
C ILE B 310 -9.51 2.95 25.84
N HIS B 311 -8.30 2.67 26.32
CA HIS B 311 -7.26 2.16 25.46
C HIS B 311 -7.18 0.63 25.57
N GLN B 312 -8.35 0.04 25.64
CA GLN B 312 -8.47 -1.38 25.82
C GLN B 312 -8.25 -2.15 24.54
N ARG B 313 -7.10 -2.84 24.48
CA ARG B 313 -6.77 -3.76 23.38
C ARG B 313 -7.80 -4.88 23.24
N ALA B 314 -7.78 -5.59 22.12
CA ALA B 314 -8.68 -6.69 21.81
C ALA B 314 -8.36 -7.34 20.45
N PRO B 315 -8.75 -8.59 20.23
CA PRO B 315 -8.73 -9.23 18.93
C PRO B 315 -9.90 -9.00 17.97
N ILE B 316 -9.55 -8.96 16.69
CA ILE B 316 -10.48 -8.65 15.63
C ILE B 316 -10.19 -9.65 14.53
N ILE B 317 -11.25 -10.30 14.16
CA ILE B 317 -11.27 -11.16 13.00
C ILE B 317 -12.40 -10.49 12.27
N LEU B 318 -12.22 -10.07 11.04
CA LEU B 318 -13.34 -9.45 10.38
C LEU B 318 -13.30 -9.82 8.91
N GLY B 319 -14.41 -10.02 8.22
CA GLY B 319 -14.31 -10.37 6.83
C GLY B 319 -15.63 -10.60 6.20
N SER B 320 -15.56 -11.14 5.01
CA SER B 320 -16.72 -11.63 4.30
C SER B 320 -17.39 -12.68 5.15
N PRO B 321 -18.72 -12.73 5.17
CA PRO B 321 -19.47 -13.50 6.12
C PRO B 321 -19.14 -14.96 6.22
N GLU B 322 -19.26 -15.66 5.10
CA GLU B 322 -19.15 -17.11 5.14
C GLU B 322 -17.75 -17.63 5.47
N ASP B 323 -16.78 -16.74 5.44
CA ASP B 323 -15.43 -17.06 5.83
C ASP B 323 -15.27 -16.89 7.33
N VAL B 324 -15.78 -15.79 7.93
CA VAL B 324 -15.66 -15.55 9.38
C VAL B 324 -16.37 -16.70 10.06
N THR B 325 -17.57 -17.04 9.58
CA THR B 325 -18.26 -18.22 9.99
C THR B 325 -17.37 -19.45 9.84
N GLU B 326 -16.80 -19.79 8.68
CA GLU B 326 -15.96 -20.98 8.51
C GLU B 326 -14.87 -21.10 9.57
N LEU B 327 -14.35 -19.95 10.04
CA LEU B 327 -13.39 -19.93 11.14
C LEU B 327 -14.04 -20.14 12.49
N LEU B 328 -15.17 -19.52 12.78
CA LEU B 328 -15.85 -19.66 14.06
C LEU B 328 -16.34 -21.07 14.32
N GLU B 329 -16.88 -21.80 13.34
CA GLU B 329 -17.30 -23.16 13.56
C GLU B 329 -16.03 -23.96 13.89
N ILE B 330 -14.85 -23.62 13.35
CA ILE B 330 -13.58 -24.23 13.78
C ILE B 330 -13.35 -23.86 15.25
N TYR B 331 -13.53 -22.60 15.56
CA TYR B 331 -13.38 -22.10 16.92
C TYR B 331 -14.36 -22.73 17.89
N GLN B 332 -15.58 -23.15 17.50
CA GLN B 332 -16.51 -23.81 18.41
C GLN B 332 -15.87 -25.14 18.73
N LYS B 333 -15.52 -25.85 17.66
CA LYS B 333 -14.83 -27.13 17.76
C LYS B 333 -13.67 -27.00 18.69
N HIS B 334 -12.92 -25.96 18.48
CA HIS B 334 -11.66 -25.86 19.14
C HIS B 334 -11.33 -25.66 20.57
N ALA B 335 -12.09 -24.84 21.28
CA ALA B 335 -11.66 -24.38 22.59
C ALA B 335 -12.76 -23.92 23.56
P1 FDP C . 0.19 -8.93 -12.08
O1P FDP C . 1.13 -9.49 -13.14
O2P FDP C . -0.66 -7.86 -12.73
O3P FDP C . -0.71 -10.02 -11.53
O1 FDP C . 4.23 -9.93 -11.02
C1 FDP C . 3.39 -8.77 -11.25
C2 FDP C . 2.21 -8.70 -10.25
O2 FDP C . 0.99 -8.24 -10.89
C3 FDP C . 2.62 -7.74 -9.10
O3 FDP C . 1.49 -7.06 -8.61
C4 FDP C . 3.30 -8.67 -8.09
O4 FDP C . 4.71 -8.67 -8.16
C5 FDP C . 2.67 -10.05 -8.32
O5 FDP C . 2.00 -9.97 -9.60
C6 FDP C . 1.69 -10.53 -7.28
O6 FDP C . 1.26 -11.84 -7.76
P2 FDP C . 0.03 -12.70 -7.15
O4P FDP C . -0.68 -13.44 -8.25
O5P FDP C . -0.98 -11.82 -6.44
O6P FDP C . 0.54 -13.77 -6.23
HO3 FDP C . 0.80 -7.20 -9.30
HO4 FDP C . 4.88 -9.04 -9.05
P1 FDP D . 1.81 -0.15 14.40
O1P FDP D . 1.21 -0.29 15.78
O2P FDP D . 2.45 1.23 14.29
O3P FDP D . 2.88 -1.23 14.23
O1 FDP D . -2.55 -1.80 14.22
C1 FDP D . -1.59 -0.73 14.10
C2 FDP D . -0.43 -1.21 13.20
O2 FDP D . 0.68 -0.26 13.25
C3 FDP D . -1.00 -1.37 11.78
O3 FDP D . -0.01 -1.01 10.82
C4 FDP D . -1.47 -2.83 11.70
O4 FDP D . -2.87 -2.98 11.70
C5 FDP D . -0.74 -3.56 12.85
O5 FDP D . 0.01 -2.56 13.56
C6 FDP D . 0.16 -4.67 12.41
O6 FDP D . 0.61 -5.46 13.56
P2 FDP D . 2.06 -6.12 13.62
O4P FDP D . 2.71 -5.70 14.91
O5P FDP D . 2.90 -5.79 12.40
O6P FDP D . 1.86 -7.61 13.78
HO3 FDP D . -0.09 -1.60 10.09
HO4 FDP D . -3.14 -2.51 12.54
#